data_1D3B
#
_entry.id   1D3B
#
_cell.length_a   107.350
_cell.length_b   108.450
_cell.length_c   110.420
_cell.angle_alpha   90.00
_cell.angle_beta   90.00
_cell.angle_gamma   90.00
#
_symmetry.space_group_name_H-M   'P 21 21 21'
#
loop_
_entity.id
_entity.type
_entity.pdbx_description
1 polymer 'PROTEIN (SMALL NUCLEAR RIBONUCLEOPROTEIN SM D3)'
2 polymer 'PROTEIN (SMALL NUCLEAR RIBONUCLEOPROTEIN ASSOCIATED PROTEIN B)'
3 non-polymer GLYCEROL
4 non-polymer 'CITRIC ACID'
5 water water
#
loop_
_entity_poly.entity_id
_entity_poly.type
_entity_poly.pdbx_seq_one_letter_code
_entity_poly.pdbx_strand_id
1 'polypeptide(L)' MSIGVPIKVLHEAEGHIVTCETNTGEVYRGKLIEAEDNMNCQMSNITVTYRDGRVAQLEQVYIRGCKIRFLILPD A,C,E,G,I,K
2 'polypeptide(L)'
;MTVGKSSKMLQHIDYRMRCILQDGRIFIGTFKAFDKHMNLILCDCDEFRKIKPKNSKQAEREEKRVLGLVLLRGENLVSM
TVEGPPPKDTG
;
B,D,F,H,J,L
#
# COMPACT_ATOMS: atom_id res chain seq x y z
N GLY A 4 -0.76 -50.84 3.01
CA GLY A 4 0.52 -50.87 2.29
C GLY A 4 1.53 -49.89 2.88
N VAL A 5 2.45 -49.37 2.07
CA VAL A 5 3.39 -48.39 2.65
C VAL A 5 2.62 -47.08 2.48
N PRO A 6 2.81 -46.10 3.34
CA PRO A 6 2.09 -44.84 3.28
C PRO A 6 1.97 -44.26 1.90
N ILE A 7 3.05 -44.19 1.12
CA ILE A 7 2.95 -43.66 -0.23
C ILE A 7 2.00 -44.47 -1.09
N LYS A 8 1.95 -45.80 -0.92
CA LYS A 8 1.01 -46.58 -1.74
C LYS A 8 -0.42 -46.23 -1.34
N VAL A 9 -0.62 -46.00 -0.03
CA VAL A 9 -1.99 -45.66 0.43
C VAL A 9 -2.38 -44.34 -0.23
N LEU A 10 -1.45 -43.39 -0.25
CA LEU A 10 -1.73 -42.10 -0.90
C LEU A 10 -2.05 -42.31 -2.36
N HIS A 11 -1.28 -43.10 -3.11
CA HIS A 11 -1.59 -43.32 -4.52
C HIS A 11 -2.99 -43.91 -4.66
N GLU A 12 -3.46 -44.80 -3.78
CA GLU A 12 -4.82 -45.31 -3.91
C GLU A 12 -5.89 -44.25 -3.73
N ALA A 13 -5.60 -43.08 -3.17
CA ALA A 13 -6.61 -42.03 -3.01
C ALA A 13 -6.73 -41.19 -4.26
N GLU A 14 -5.83 -41.41 -5.24
CA GLU A 14 -5.92 -40.66 -6.49
C GLU A 14 -7.28 -40.96 -7.10
N GLY A 15 -8.03 -39.90 -7.36
CA GLY A 15 -9.36 -39.98 -7.90
C GLY A 15 -10.41 -39.76 -6.81
N HIS A 16 -9.98 -39.74 -5.55
CA HIS A 16 -10.90 -39.54 -4.44
C HIS A 16 -10.70 -38.19 -3.76
N ILE A 17 -11.67 -37.83 -2.92
CA ILE A 17 -11.51 -36.56 -2.20
C ILE A 17 -10.63 -36.79 -0.99
N VAL A 18 -9.66 -35.87 -0.84
CA VAL A 18 -8.75 -35.95 0.29
C VAL A 18 -8.74 -34.58 0.98
N THR A 19 -8.33 -34.62 2.24
CA THR A 19 -8.21 -33.39 2.99
C THR A 19 -6.70 -33.25 3.25
N CYS A 20 -6.18 -32.07 2.99
CA CYS A 20 -4.76 -31.87 3.22
C CYS A 20 -4.56 -30.72 4.21
N GLU A 21 -3.94 -30.98 5.35
CA GLU A 21 -3.67 -29.92 6.32
C GLU A 21 -2.18 -29.58 6.29
N THR A 22 -1.86 -28.32 6.00
CA THR A 22 -0.46 -27.89 5.95
C THR A 22 0.16 -27.64 7.32
N ASN A 23 1.49 -27.46 7.33
CA ASN A 23 2.24 -27.19 8.53
C ASN A 23 1.97 -25.80 9.10
N THR A 24 1.36 -24.93 8.31
CA THR A 24 1.04 -23.59 8.80
C THR A 24 -0.44 -23.45 9.05
N GLY A 25 -1.21 -24.55 9.01
CA GLY A 25 -2.63 -24.49 9.32
C GLY A 25 -3.63 -24.29 8.20
N GLU A 26 -3.23 -24.26 6.94
CA GLU A 26 -4.18 -24.11 5.86
C GLU A 26 -4.80 -25.47 5.58
N VAL A 27 -6.09 -25.51 5.26
CA VAL A 27 -6.69 -26.80 4.98
C VAL A 27 -7.16 -26.80 3.51
N TYR A 28 -6.65 -27.73 2.75
CA TYR A 28 -7.02 -27.88 1.34
C TYR A 28 -7.85 -29.16 1.20
N ARG A 29 -9.09 -29.01 0.74
CA ARG A 29 -9.87 -30.25 0.62
C ARG A 29 -10.36 -30.44 -0.81
N GLY A 30 -10.08 -31.58 -1.41
CA GLY A 30 -10.58 -31.75 -2.78
C GLY A 30 -10.09 -33.05 -3.39
N LYS A 31 -10.37 -33.14 -4.69
CA LYS A 31 -10.00 -34.34 -5.41
C LYS A 31 -8.52 -34.47 -5.70
N LEU A 32 -7.95 -35.57 -5.19
CA LEU A 32 -6.54 -35.87 -5.41
C LEU A 32 -6.42 -36.38 -6.85
N ILE A 33 -5.72 -35.63 -7.68
CA ILE A 33 -5.54 -36.02 -9.07
C ILE A 33 -4.26 -36.84 -9.14
N GLU A 34 -3.23 -36.36 -8.44
CA GLU A 34 -1.98 -37.10 -8.45
C GLU A 34 -1.04 -36.75 -7.32
N ALA A 35 -0.52 -37.81 -6.74
CA ALA A 35 0.46 -37.76 -5.68
C ALA A 35 1.78 -38.24 -6.31
N GLU A 36 2.86 -37.55 -6.00
CA GLU A 36 4.16 -37.97 -6.51
C GLU A 36 4.87 -38.67 -5.35
N ASP A 37 5.95 -39.35 -5.70
CA ASP A 37 6.79 -40.08 -4.78
C ASP A 37 7.14 -39.31 -3.52
N ASN A 38 7.33 -38.00 -3.61
CA ASN A 38 7.64 -37.18 -2.45
C ASN A 38 6.41 -36.60 -1.74
N MET A 39 5.23 -37.10 -2.14
CA MET A 39 3.94 -36.71 -1.53
C MET A 39 3.41 -35.36 -1.99
N ASN A 40 4.08 -34.77 -2.98
CA ASN A 40 3.60 -33.51 -3.53
C ASN A 40 2.24 -33.90 -4.14
N CYS A 41 1.19 -33.16 -3.86
CA CYS A 41 -0.11 -33.52 -4.38
C CYS A 41 -0.77 -32.46 -5.25
N GLN A 42 -1.26 -32.97 -6.38
CA GLN A 42 -2.00 -32.16 -7.34
C GLN A 42 -3.46 -32.44 -7.02
N MET A 43 -4.21 -31.40 -6.70
CA MET A 43 -5.60 -31.51 -6.32
C MET A 43 -6.46 -30.57 -7.16
N SER A 44 -7.74 -30.94 -7.32
CA SER A 44 -8.62 -30.10 -8.12
C SER A 44 -9.94 -29.88 -7.42
N ASN A 45 -10.64 -28.82 -7.83
CA ASN A 45 -11.92 -28.42 -7.27
C ASN A 45 -11.81 -28.45 -5.76
N ILE A 46 -10.89 -27.60 -5.26
CA ILE A 46 -10.68 -27.62 -3.82
C ILE A 46 -11.41 -26.55 -3.07
N THR A 47 -11.52 -26.83 -1.77
CA THR A 47 -12.11 -25.83 -0.86
C THR A 47 -10.95 -25.56 0.11
N VAL A 48 -10.54 -24.30 0.27
CA VAL A 48 -9.41 -24.07 1.18
C VAL A 48 -9.83 -23.23 2.37
N THR A 49 -9.31 -23.61 3.53
CA THR A 49 -9.55 -22.81 4.75
C THR A 49 -8.18 -22.25 5.13
N TYR A 50 -8.08 -20.92 5.17
CA TYR A 50 -6.81 -20.28 5.47
C TYR A 50 -6.69 -20.19 6.98
N ARG A 51 -5.55 -19.78 7.44
CA ARG A 51 -5.25 -19.67 8.86
C ARG A 51 -6.20 -18.82 9.68
N ASP A 52 -6.74 -17.76 9.09
CA ASP A 52 -7.67 -16.88 9.77
C ASP A 52 -9.11 -17.37 9.64
N GLY A 53 -9.34 -18.56 9.08
CA GLY A 53 -10.66 -19.13 8.91
C GLY A 53 -11.35 -18.75 7.62
N ARG A 54 -10.72 -17.92 6.78
CA ARG A 54 -11.34 -17.53 5.51
C ARG A 54 -11.50 -18.79 4.67
N VAL A 55 -12.70 -19.00 4.13
CA VAL A 55 -12.91 -20.17 3.29
C VAL A 55 -13.04 -19.73 1.86
N ALA A 56 -12.37 -20.38 0.93
CA ALA A 56 -12.43 -20.03 -0.48
C ALA A 56 -12.26 -21.31 -1.28
N GLN A 57 -12.44 -21.11 -2.59
CA GLN A 57 -12.33 -22.26 -3.48
C GLN A 57 -11.28 -21.98 -4.55
N LEU A 58 -10.69 -23.01 -5.09
CA LEU A 58 -9.71 -22.92 -6.16
C LEU A 58 -9.86 -24.11 -7.10
N GLU A 59 -9.70 -23.90 -8.40
CA GLU A 59 -9.84 -24.98 -9.35
C GLU A 59 -8.74 -26.02 -9.27
N GLN A 60 -7.52 -25.59 -8.93
CA GLN A 60 -6.42 -26.54 -8.89
C GLN A 60 -5.32 -26.04 -7.97
N VAL A 61 -4.69 -26.95 -7.23
CA VAL A 61 -3.62 -26.53 -6.33
C VAL A 61 -2.55 -27.61 -6.42
N TYR A 62 -1.36 -27.22 -6.05
CA TYR A 62 -0.22 -28.13 -5.99
C TYR A 62 0.35 -27.95 -4.59
N ILE A 63 0.15 -28.93 -3.70
CA ILE A 63 0.64 -28.83 -2.33
C ILE A 63 1.85 -29.74 -2.21
N ARG A 64 2.99 -29.17 -1.85
CA ARG A 64 4.22 -29.96 -1.73
C ARG A 64 4.16 -30.83 -0.51
N GLY A 65 4.71 -32.05 -0.55
CA GLY A 65 4.66 -32.91 0.64
C GLY A 65 5.40 -32.34 1.82
N CYS A 66 6.47 -31.56 1.63
CA CYS A 66 7.22 -30.97 2.74
C CYS A 66 6.43 -29.89 3.45
N LYS A 67 5.28 -29.49 2.92
CA LYS A 67 4.43 -28.48 3.56
C LYS A 67 3.22 -29.11 4.27
N ILE A 68 3.15 -30.44 4.19
CA ILE A 68 2.01 -31.16 4.76
C ILE A 68 2.18 -31.67 6.18
N ARG A 69 1.19 -31.38 7.02
CA ARG A 69 1.15 -31.85 8.40
C ARG A 69 0.52 -33.26 8.31
N PHE A 70 -0.67 -33.32 7.72
CA PHE A 70 -1.29 -34.64 7.54
C PHE A 70 -2.28 -34.55 6.38
N LEU A 71 -2.63 -35.70 5.88
CA LEU A 71 -3.64 -35.90 4.85
C LEU A 71 -4.75 -36.79 5.44
N ILE A 72 -6.01 -36.49 5.10
CA ILE A 72 -7.08 -37.36 5.56
C ILE A 72 -7.54 -38.11 4.31
N LEU A 73 -7.38 -39.42 4.28
CA LEU A 73 -7.78 -40.19 3.09
C LEU A 73 -9.10 -40.89 3.27
N PRO A 74 -9.72 -41.34 2.18
CA PRO A 74 -10.98 -42.03 2.22
C PRO A 74 -10.90 -43.38 2.93
N ASP A 75 -11.98 -43.79 3.57
CA ASP A 75 -12.08 -45.07 4.25
C ASP A 75 -11.27 -45.15 5.53
N SER B 7 13.20 -47.89 11.84
CA SER B 7 13.26 -48.30 13.24
C SER B 7 12.52 -49.61 13.46
N LYS B 8 12.46 -50.06 14.71
CA LYS B 8 11.66 -51.23 15.00
C LYS B 8 10.22 -50.84 15.30
N MET B 9 9.46 -50.93 14.22
CA MET B 9 8.08 -50.53 14.10
C MET B 9 7.14 -51.55 13.47
N LEU B 10 7.65 -52.59 12.82
CA LEU B 10 6.74 -53.57 12.20
C LEU B 10 5.97 -54.35 13.26
N GLN B 11 6.46 -54.37 14.50
CA GLN B 11 5.81 -55.07 15.59
C GLN B 11 4.58 -54.32 16.09
N HIS B 12 4.64 -53.00 15.94
CA HIS B 12 3.56 -52.13 16.41
C HIS B 12 2.38 -52.06 15.45
N ILE B 13 2.51 -52.67 14.27
CA ILE B 13 1.41 -52.65 13.31
C ILE B 13 0.16 -53.18 13.98
N ASP B 14 -0.94 -52.51 13.66
CA ASP B 14 -2.34 -52.81 14.09
C ASP B 14 -2.64 -52.35 15.54
N TYR B 15 -1.64 -51.93 16.33
CA TYR B 15 -1.86 -51.43 17.69
C TYR B 15 -2.27 -49.93 17.64
N ARG B 16 -2.84 -49.44 18.74
CA ARG B 16 -3.25 -48.07 18.92
C ARG B 16 -2.06 -47.30 19.47
N MET B 17 -1.64 -46.27 18.72
CA MET B 17 -0.47 -45.48 19.11
C MET B 17 -0.75 -44.00 19.29
N ARG B 18 0.00 -43.35 20.16
CA ARG B 18 -0.02 -41.94 20.48
C ARG B 18 1.22 -41.36 19.77
N CYS B 19 0.95 -40.61 18.70
CA CYS B 19 1.97 -40.01 17.84
C CYS B 19 2.01 -38.49 18.08
N ILE B 20 3.09 -38.06 18.71
CA ILE B 20 3.25 -36.68 19.10
C ILE B 20 4.18 -35.84 18.24
N LEU B 21 3.59 -34.70 17.81
CA LEU B 21 4.37 -33.82 16.94
C LEU B 21 5.23 -32.92 17.77
N GLN B 22 6.12 -32.22 17.07
CA GLN B 22 7.06 -31.31 17.71
C GLN B 22 6.35 -30.23 18.49
N ASP B 23 5.20 -29.77 18.01
CA ASP B 23 4.43 -28.74 18.69
C ASP B 23 3.53 -29.34 19.77
N GLY B 24 3.51 -30.67 19.94
CA GLY B 24 2.70 -31.20 21.04
C GLY B 24 1.34 -31.69 20.60
N ARG B 25 1.03 -31.64 19.31
CA ARG B 25 -0.24 -32.17 18.85
C ARG B 25 -0.11 -33.69 19.04
N ILE B 26 -1.18 -34.32 19.49
CA ILE B 26 -1.17 -35.76 19.75
C ILE B 26 -2.15 -36.44 18.80
N PHE B 27 -1.67 -37.29 17.94
CA PHE B 27 -2.44 -38.03 16.99
C PHE B 27 -2.57 -39.44 17.63
N ILE B 28 -3.82 -39.85 17.86
CA ILE B 28 -4.03 -41.19 18.43
C ILE B 28 -4.83 -41.95 17.37
N GLY B 29 -4.26 -43.05 16.89
CA GLY B 29 -4.95 -43.85 15.88
C GLY B 29 -4.38 -45.28 15.85
N THR B 30 -4.95 -46.11 15.00
CA THR B 30 -4.47 -47.48 14.86
C THR B 30 -3.37 -47.45 13.81
N PHE B 31 -2.17 -47.81 14.17
CA PHE B 31 -0.99 -47.81 13.30
C PHE B 31 -1.06 -48.92 12.23
N LYS B 32 -1.23 -48.53 10.98
CA LYS B 32 -1.34 -49.46 9.89
C LYS B 32 -0.21 -49.49 8.89
N ALA B 33 0.63 -48.47 8.81
CA ALA B 33 1.73 -48.41 7.86
C ALA B 33 2.77 -47.37 8.25
N PHE B 34 4.02 -47.53 7.81
CA PHE B 34 5.06 -46.54 8.12
C PHE B 34 6.17 -46.64 7.08
N ASP B 35 7.16 -45.73 7.19
CA ASP B 35 8.24 -45.80 6.21
C ASP B 35 9.52 -45.28 6.82
N LYS B 36 10.60 -45.23 6.03
CA LYS B 36 11.87 -44.75 6.57
C LYS B 36 11.85 -43.30 7.01
N HIS B 37 11.00 -42.47 6.37
CA HIS B 37 10.89 -41.07 6.76
C HIS B 37 10.02 -40.91 8.00
N MET B 38 9.31 -42.00 8.32
CA MET B 38 8.42 -42.00 9.48
C MET B 38 7.04 -41.47 9.12
N ASN B 39 6.70 -41.48 7.83
CA ASN B 39 5.35 -41.08 7.45
C ASN B 39 4.47 -42.22 7.97
N LEU B 40 3.39 -41.96 8.69
CA LEU B 40 2.56 -43.04 9.21
C LEU B 40 1.14 -43.02 8.68
N ILE B 41 0.56 -44.22 8.70
CA ILE B 41 -0.82 -44.41 8.30
C ILE B 41 -1.51 -44.77 9.63
N LEU B 42 -2.39 -43.88 10.07
CA LEU B 42 -3.11 -44.07 11.32
C LEU B 42 -4.61 -44.16 11.05
N CYS B 43 -5.20 -45.33 11.28
CA CYS B 43 -6.64 -45.48 11.02
C CYS B 43 -7.43 -45.12 12.28
N ASP B 44 -8.66 -44.67 12.13
CA ASP B 44 -9.54 -44.25 13.21
C ASP B 44 -8.76 -43.30 14.10
N CYS B 45 -8.22 -42.28 13.42
CA CYS B 45 -7.37 -41.32 14.08
C CYS B 45 -8.01 -40.02 14.52
N ASP B 46 -7.63 -39.57 15.70
CA ASP B 46 -8.12 -38.32 16.26
C ASP B 46 -6.87 -37.49 16.64
N GLU B 47 -7.04 -36.18 16.61
CA GLU B 47 -5.97 -35.28 17.00
C GLU B 47 -6.43 -34.61 18.28
N PHE B 48 -5.57 -34.53 19.27
CA PHE B 48 -5.81 -33.88 20.53
C PHE B 48 -4.79 -32.74 20.69
N ARG B 49 -5.25 -31.55 21.09
CA ARG B 49 -4.31 -30.51 21.43
C ARG B 49 -4.63 -29.99 22.80
N LYS B 50 -3.56 -29.65 23.49
CA LYS B 50 -3.65 -29.10 24.83
C LYS B 50 -3.15 -27.68 24.69
N ILE B 51 -4.03 -26.72 24.97
CA ILE B 51 -3.74 -25.32 24.80
C ILE B 51 -3.76 -24.54 26.11
N LYS B 52 -2.68 -23.78 26.29
CA LYS B 52 -2.55 -22.92 27.46
C LYS B 52 -2.82 -21.50 26.98
N PRO B 53 -3.91 -20.89 27.40
CA PRO B 53 -4.24 -19.53 26.99
C PRO B 53 -3.21 -18.51 27.40
N LYS B 54 -3.12 -17.41 26.65
CA LYS B 54 -2.22 -16.32 26.97
C LYS B 54 -2.70 -15.67 28.28
N ASN B 55 -4.01 -15.52 28.44
CA ASN B 55 -4.58 -14.93 29.65
C ASN B 55 -4.34 -15.90 30.81
N SER B 56 -3.59 -15.51 31.83
CA SER B 56 -3.27 -16.38 32.97
C SER B 56 -4.40 -16.75 33.89
N LYS B 57 -5.53 -16.06 33.84
CA LYS B 57 -6.69 -16.39 34.66
C LYS B 57 -7.55 -17.47 34.00
N GLN B 58 -7.20 -17.88 32.80
CA GLN B 58 -7.97 -18.89 32.07
C GLN B 58 -7.25 -20.22 32.20
N ALA B 59 -7.97 -21.33 32.21
CA ALA B 59 -7.32 -22.62 32.37
C ALA B 59 -6.93 -23.29 31.05
N GLU B 60 -5.93 -24.18 31.14
CA GLU B 60 -5.49 -24.95 29.99
C GLU B 60 -6.76 -25.58 29.42
N ARG B 61 -6.84 -25.70 28.11
CA ARG B 61 -8.04 -26.29 27.52
C ARG B 61 -7.62 -27.33 26.49
N GLU B 62 -8.61 -28.08 26.03
CA GLU B 62 -8.33 -29.12 25.06
C GLU B 62 -9.20 -29.13 23.83
N GLU B 63 -8.60 -29.54 22.72
CA GLU B 63 -9.36 -29.67 21.49
C GLU B 63 -9.18 -31.08 20.94
N LYS B 64 -10.25 -31.62 20.40
CA LYS B 64 -10.21 -32.92 19.79
C LYS B 64 -10.83 -32.80 18.41
N ARG B 65 -10.18 -33.39 17.42
CA ARG B 65 -10.72 -33.41 16.08
C ARG B 65 -10.73 -34.90 15.68
N VAL B 66 -11.89 -35.36 15.24
CA VAL B 66 -12.02 -36.73 14.77
C VAL B 66 -11.56 -36.62 13.31
N LEU B 67 -10.54 -37.39 12.92
CA LEU B 67 -10.05 -37.28 11.55
C LEU B 67 -10.44 -38.44 10.66
N GLY B 68 -10.01 -39.64 11.07
CA GLY B 68 -10.35 -40.83 10.28
C GLY B 68 -9.03 -41.51 9.87
N LEU B 69 -8.92 -41.80 8.60
CA LEU B 69 -7.73 -42.44 8.05
C LEU B 69 -6.76 -41.32 7.68
N VAL B 70 -5.69 -41.26 8.47
CA VAL B 70 -4.68 -40.23 8.38
C VAL B 70 -3.29 -40.69 8.00
N LEU B 71 -2.73 -39.89 7.08
CA LEU B 71 -1.32 -40.11 6.67
C LEU B 71 -0.63 -38.92 7.38
N LEU B 72 0.15 -39.24 8.37
CA LEU B 72 0.85 -38.29 9.21
C LEU B 72 2.30 -38.16 8.74
N ARG B 73 2.75 -36.95 8.42
CA ARG B 73 4.08 -36.75 7.90
C ARG B 73 5.14 -36.92 8.97
N GLY B 74 6.14 -37.74 8.67
CA GLY B 74 7.17 -37.97 9.67
C GLY B 74 8.06 -36.82 10.06
N GLU B 75 8.26 -35.80 9.23
CA GLU B 75 9.16 -34.69 9.55
C GLU B 75 8.76 -34.02 10.85
N ASN B 76 7.48 -33.92 11.19
CA ASN B 76 7.04 -33.28 12.40
C ASN B 76 6.88 -34.22 13.57
N LEU B 77 6.92 -35.51 13.29
CA LEU B 77 6.75 -36.53 14.35
C LEU B 77 7.97 -36.66 15.23
N VAL B 78 7.81 -36.43 16.53
CA VAL B 78 8.92 -36.44 17.48
C VAL B 78 8.89 -37.56 18.50
N SER B 79 7.68 -38.11 18.72
CA SER B 79 7.57 -39.18 19.72
C SER B 79 6.38 -40.07 19.40
N MET B 80 6.49 -41.32 19.87
CA MET B 80 5.48 -42.34 19.66
C MET B 80 5.43 -43.25 20.87
N THR B 81 4.28 -43.41 21.51
CA THR B 81 4.14 -44.28 22.67
C THR B 81 2.94 -45.20 22.41
N VAL B 82 2.87 -46.34 23.12
CA VAL B 82 1.77 -47.28 22.93
C VAL B 82 0.58 -46.76 23.70
N GLU B 83 -0.58 -46.63 23.06
CA GLU B 83 -1.71 -46.11 23.84
C GLU B 83 -2.63 -47.24 24.33
N GLY B 84 -2.68 -48.30 23.54
CA GLY B 84 -3.54 -49.40 23.91
C GLY B 84 -3.36 -50.49 22.86
N PRO B 85 -3.82 -51.68 23.21
CA PRO B 85 -3.71 -52.82 22.32
C PRO B 85 -4.54 -52.63 21.08
N PRO B 86 -4.36 -53.51 20.10
CA PRO B 86 -5.12 -53.45 18.89
C PRO B 86 -6.60 -53.70 19.17
N PRO B 87 -7.47 -52.95 18.51
CA PRO B 87 -8.91 -53.09 18.67
C PRO B 87 -9.38 -54.43 18.14
N VAL C 5 35.06 -28.54 15.20
CA VAL C 5 33.98 -28.82 14.25
C VAL C 5 32.70 -28.96 15.06
N PRO C 6 31.67 -28.20 14.71
CA PRO C 6 30.39 -28.26 15.44
C PRO C 6 29.86 -29.66 15.67
N ILE C 7 29.81 -30.52 14.65
CA ILE C 7 29.28 -31.88 14.84
C ILE C 7 30.10 -32.65 15.85
N LYS C 8 31.42 -32.50 15.89
CA LYS C 8 32.22 -33.23 16.89
C LYS C 8 31.88 -32.73 18.28
N VAL C 9 31.65 -31.41 18.43
CA VAL C 9 31.30 -30.92 19.77
C VAL C 9 29.96 -31.51 20.17
N LEU C 10 29.06 -31.65 19.20
CA LEU C 10 27.73 -32.23 19.51
C LEU C 10 27.89 -33.69 19.91
N HIS C 11 28.65 -34.47 19.15
CA HIS C 11 28.93 -35.87 19.46
C HIS C 11 29.49 -36.01 20.87
N GLU C 12 30.36 -35.09 21.29
CA GLU C 12 30.90 -35.10 22.64
C GLU C 12 29.83 -34.90 23.69
N ALA C 13 28.65 -34.36 23.35
CA ALA C 13 27.60 -34.15 24.32
C ALA C 13 26.76 -35.42 24.53
N GLU C 14 26.88 -36.42 23.69
CA GLU C 14 26.09 -37.64 23.87
C GLU C 14 26.33 -38.17 25.28
N GLY C 15 25.23 -38.48 25.95
CA GLY C 15 25.22 -39.00 27.31
C GLY C 15 25.04 -37.89 28.32
N HIS C 16 24.98 -36.65 27.86
CA HIS C 16 24.82 -35.52 28.77
C HIS C 16 23.48 -34.81 28.52
N ILE C 17 23.11 -33.99 29.49
CA ILE C 17 21.86 -33.25 29.40
C ILE C 17 22.09 -32.07 28.47
N VAL C 18 21.23 -31.98 27.47
CA VAL C 18 21.35 -30.86 26.53
C VAL C 18 19.98 -30.18 26.45
N THR C 19 19.98 -28.95 26.01
CA THR C 19 18.79 -28.15 25.78
C THR C 19 18.75 -27.93 24.27
N CYS C 20 17.59 -28.19 23.71
CA CYS C 20 17.37 -28.03 22.29
C CYS C 20 16.23 -27.03 22.09
N GLU C 21 16.51 -25.91 21.46
CA GLU C 21 15.45 -24.92 21.22
C GLU C 21 15.08 -25.01 19.75
N THR C 22 13.82 -25.29 19.40
CA THR C 22 13.46 -25.45 18.00
C THR C 22 13.20 -24.12 17.30
N ASN C 23 13.08 -24.10 15.99
CA ASN C 23 12.80 -22.90 15.21
C ASN C 23 11.39 -22.37 15.45
N THR C 24 10.51 -23.18 16.04
CA THR C 24 9.16 -22.72 16.33
C THR C 24 8.96 -22.45 17.80
N GLY C 25 10.03 -22.28 18.61
CA GLY C 25 9.81 -21.93 20.00
C GLY C 25 9.64 -23.05 21.01
N GLU C 26 9.70 -24.32 20.67
CA GLU C 26 9.58 -25.32 21.73
C GLU C 26 10.96 -25.49 22.36
N VAL C 27 11.03 -25.85 23.65
CA VAL C 27 12.30 -26.09 24.31
C VAL C 27 12.33 -27.54 24.81
N TYR C 28 13.28 -28.34 24.35
CA TYR C 28 13.37 -29.73 24.79
C TYR C 28 14.66 -29.92 25.58
N ARG C 29 14.53 -30.32 26.84
CA ARG C 29 15.72 -30.53 27.67
C ARG C 29 15.76 -31.96 28.17
N GLY C 30 16.90 -32.61 27.97
CA GLY C 30 17.05 -33.97 28.40
C GLY C 30 18.39 -34.57 27.94
N LYS C 31 18.47 -35.87 28.13
CA LYS C 31 19.69 -36.58 27.78
C LYS C 31 19.81 -36.84 26.30
N LEU C 32 20.96 -36.39 25.77
CA LEU C 32 21.23 -36.61 24.36
C LEU C 32 21.76 -38.05 24.24
N ILE C 33 21.01 -38.93 23.61
CA ILE C 33 21.42 -40.31 23.46
C ILE C 33 22.36 -40.43 22.25
N GLU C 34 21.93 -39.82 21.16
CA GLU C 34 22.73 -39.86 19.95
C GLU C 34 22.38 -38.70 19.02
N ALA C 35 23.44 -38.21 18.38
CA ALA C 35 23.26 -37.13 17.39
C ALA C 35 23.70 -37.70 16.05
N GLU C 36 22.92 -37.59 14.99
CA GLU C 36 23.36 -38.09 13.70
C GLU C 36 24.25 -37.01 13.06
N ASP C 37 24.86 -37.30 11.93
CA ASP C 37 25.71 -36.36 11.21
C ASP C 37 24.94 -35.13 10.74
N ASN C 38 23.63 -35.21 10.55
CA ASN C 38 22.81 -34.09 10.13
C ASN C 38 22.28 -33.30 11.32
N MET C 39 22.71 -33.67 12.52
CA MET C 39 22.33 -33.06 13.78
C MET C 39 20.94 -33.53 14.24
N ASN C 40 20.40 -34.61 13.67
CA ASN C 40 19.12 -35.14 14.15
C ASN C 40 19.50 -35.73 15.53
N CYS C 41 18.78 -35.36 16.57
CA CYS C 41 19.04 -35.79 17.90
C CYS C 41 17.98 -36.66 18.57
N GLN C 42 18.48 -37.75 19.14
CA GLN C 42 17.68 -38.71 19.88
C GLN C 42 17.83 -38.33 21.34
N MET C 43 16.77 -37.95 22.03
CA MET C 43 16.91 -37.55 23.42
C MET C 43 15.92 -38.36 24.27
N SER C 44 16.30 -38.57 25.53
CA SER C 44 15.44 -39.35 26.41
C SER C 44 15.19 -38.66 27.73
N ASN C 45 14.06 -39.02 28.37
CA ASN C 45 13.61 -38.46 29.64
C ASN C 45 13.65 -36.93 29.60
N ILE C 46 12.87 -36.43 28.66
CA ILE C 46 12.90 -34.97 28.45
C ILE C 46 11.70 -34.24 29.07
N THR C 47 11.98 -32.94 29.24
CA THR C 47 11.01 -31.96 29.72
C THR C 47 10.87 -30.99 28.54
N VAL C 48 9.66 -30.79 28.07
CA VAL C 48 9.39 -29.93 26.92
C VAL C 48 8.46 -28.81 27.34
N THR C 49 8.84 -27.64 26.88
CA THR C 49 8.06 -26.42 27.10
C THR C 49 7.58 -26.05 25.71
N TYR C 50 6.28 -26.14 25.51
CA TYR C 50 5.71 -25.83 24.21
C TYR C 50 5.69 -24.33 24.04
N ARG C 51 5.33 -23.91 22.85
CA ARG C 51 5.27 -22.49 22.49
C ARG C 51 4.37 -21.66 23.37
N ASP C 52 3.28 -22.19 23.90
CA ASP C 52 2.37 -21.44 24.77
C ASP C 52 2.76 -21.53 26.23
N GLY C 53 3.91 -22.12 26.60
CA GLY C 53 4.30 -22.23 28.00
C GLY C 53 3.95 -23.56 28.64
N ARG C 54 3.08 -24.37 28.03
CA ARG C 54 2.71 -25.65 28.63
C ARG C 54 3.93 -26.55 28.75
N VAL C 55 4.08 -27.21 29.90
CA VAL C 55 5.22 -28.09 30.15
C VAL C 55 4.76 -29.54 30.17
N ALA C 56 5.48 -30.42 29.51
CA ALA C 56 5.16 -31.84 29.48
C ALA C 56 6.45 -32.64 29.58
N GLN C 57 6.30 -33.95 29.79
CA GLN C 57 7.48 -34.82 29.89
C GLN C 57 7.31 -35.94 28.89
N LEU C 58 8.36 -36.31 28.17
CA LEU C 58 8.32 -37.35 27.17
C LEU C 58 9.51 -38.27 27.49
N GLU C 59 9.31 -39.56 27.30
CA GLU C 59 10.35 -40.55 27.58
C GLU C 59 11.46 -40.49 26.54
N GLN C 60 11.04 -40.38 25.29
CA GLN C 60 11.99 -40.31 24.19
C GLN C 60 11.49 -39.44 23.04
N VAL C 61 12.38 -38.57 22.56
CA VAL C 61 12.07 -37.73 21.43
C VAL C 61 13.22 -37.79 20.40
N TYR C 62 12.81 -37.48 19.19
CA TYR C 62 13.69 -37.38 18.04
C TYR C 62 13.49 -35.96 17.47
N ILE C 63 14.47 -35.09 17.57
CA ILE C 63 14.37 -33.71 17.07
C ILE C 63 15.28 -33.55 15.86
N ARG C 64 14.72 -33.31 14.67
CA ARG C 64 15.58 -33.24 13.50
C ARG C 64 16.39 -31.94 13.49
N GLY C 65 17.60 -32.09 12.93
CA GLY C 65 18.57 -31.00 12.85
C GLY C 65 17.96 -29.78 12.19
N CYS C 66 17.19 -29.96 11.12
CA CYS C 66 16.59 -28.82 10.42
C CYS C 66 15.50 -28.14 11.24
N LYS C 67 15.07 -28.66 12.39
CA LYS C 67 14.07 -28.03 13.21
C LYS C 67 14.72 -27.29 14.38
N ILE C 68 16.03 -27.41 14.50
CA ILE C 68 16.68 -26.78 15.67
C ILE C 68 17.19 -25.39 15.43
N ARG C 69 16.97 -24.51 16.38
CA ARG C 69 17.45 -23.14 16.33
C ARG C 69 18.83 -23.19 16.98
N PHE C 70 18.90 -23.76 18.19
CA PHE C 70 20.23 -23.89 18.81
C PHE C 70 20.17 -25.00 19.86
N LEU C 71 21.38 -25.43 20.24
CA LEU C 71 21.51 -26.43 21.28
C LEU C 71 22.41 -25.80 22.36
N ILE C 72 22.08 -26.12 23.60
CA ILE C 72 22.91 -25.69 24.71
C ILE C 72 23.60 -27.01 25.13
N LEU C 73 24.92 -27.01 25.13
CA LEU C 73 25.72 -28.18 25.44
C LEU C 73 26.43 -28.00 26.77
N PRO C 74 26.76 -29.11 27.43
CA PRO C 74 27.43 -29.07 28.71
C PRO C 74 28.71 -28.27 28.61
N ASP C 75 28.99 -27.43 29.56
CA ASP C 75 30.12 -26.56 29.72
C ASP C 75 29.66 -25.09 29.84
N THR D 2 32.16 -12.97 7.27
CA THR D 2 30.92 -12.84 6.50
C THR D 2 30.18 -14.17 6.39
N VAL D 3 28.91 -14.13 6.77
CA VAL D 3 28.09 -15.33 6.73
C VAL D 3 27.97 -15.81 5.30
N GLY D 4 28.21 -17.10 5.17
CA GLY D 4 28.18 -17.83 3.92
C GLY D 4 29.53 -17.84 3.22
N LYS D 5 30.55 -17.19 3.77
CA LYS D 5 31.88 -17.15 3.16
C LYS D 5 32.89 -17.77 4.11
N SER D 6 33.16 -19.06 3.99
CA SER D 6 34.07 -19.74 4.90
C SER D 6 35.41 -19.10 5.14
N SER D 7 36.09 -18.68 4.08
CA SER D 7 37.40 -18.05 4.15
C SER D 7 37.32 -16.71 4.89
N LYS D 8 36.17 -16.05 4.84
CA LYS D 8 35.99 -14.79 5.55
C LYS D 8 35.64 -15.08 7.01
N MET D 9 34.92 -16.18 7.27
CA MET D 9 34.53 -16.50 8.65
C MET D 9 35.68 -17.00 9.49
N LEU D 10 36.57 -17.70 8.82
CA LEU D 10 37.75 -18.23 9.50
C LEU D 10 38.54 -17.12 10.18
N GLN D 11 38.59 -15.93 9.59
CA GLN D 11 39.33 -14.82 10.15
C GLN D 11 38.84 -14.37 11.51
N HIS D 12 37.58 -14.63 11.87
CA HIS D 12 37.04 -14.23 13.15
C HIS D 12 37.06 -15.31 14.22
N ILE D 13 37.66 -16.47 13.97
CA ILE D 13 37.68 -17.51 15.00
C ILE D 13 38.33 -16.89 16.24
N ASP D 14 37.80 -17.15 17.42
CA ASP D 14 38.24 -16.69 18.72
C ASP D 14 37.74 -15.32 19.09
N TYR D 15 37.29 -14.49 18.17
CA TYR D 15 36.77 -13.21 18.58
C TYR D 15 35.39 -13.37 19.25
N ARG D 16 34.99 -12.32 19.96
CA ARG D 16 33.65 -12.25 20.54
C ARG D 16 32.81 -11.77 19.32
N MET D 17 31.89 -12.60 18.88
CA MET D 17 31.10 -12.26 17.71
C MET D 17 29.61 -12.11 17.99
N ARG D 18 28.98 -11.18 17.28
CA ARG D 18 27.55 -10.98 17.40
C ARG D 18 26.93 -11.71 16.20
N CYS D 19 26.19 -12.76 16.47
CA CYS D 19 25.57 -13.62 15.46
C CYS D 19 24.08 -13.37 15.42
N ILE D 20 23.61 -12.88 14.28
CA ILE D 20 22.22 -12.50 14.10
C ILE D 20 21.43 -13.43 13.22
N LEU D 21 20.30 -13.88 13.77
CA LEU D 21 19.41 -14.77 13.02
C LEU D 21 18.53 -13.88 12.15
N GLN D 22 17.82 -14.52 11.22
CA GLN D 22 16.91 -13.86 10.30
C GLN D 22 15.80 -13.07 10.96
N ASP D 23 15.32 -13.48 12.14
CA ASP D 23 14.28 -12.73 12.84
C ASP D 23 14.83 -11.67 13.78
N GLY D 24 16.15 -11.46 13.77
CA GLY D 24 16.73 -10.41 14.60
C GLY D 24 17.24 -10.87 15.94
N ARG D 25 17.04 -12.12 16.33
CA ARG D 25 17.58 -12.62 17.60
C ARG D 25 19.12 -12.54 17.48
N ILE D 26 19.76 -12.09 18.55
CA ILE D 26 21.21 -11.95 18.55
C ILE D 26 21.88 -12.90 19.54
N PHE D 27 22.92 -13.55 19.05
CA PHE D 27 23.70 -14.46 19.89
C PHE D 27 25.09 -13.86 20.02
N ILE D 28 25.52 -13.55 21.23
CA ILE D 28 26.87 -12.98 21.39
C ILE D 28 27.68 -13.99 22.19
N GLY D 29 28.76 -14.45 21.54
CA GLY D 29 29.62 -15.43 22.22
C GLY D 29 31.00 -15.43 21.56
N THR D 30 31.80 -16.32 22.12
CA THR D 30 33.17 -16.54 21.68
C THR D 30 33.08 -17.57 20.57
N PHE D 31 33.44 -17.08 19.41
CA PHE D 31 33.36 -17.90 18.21
C PHE D 31 34.48 -18.92 18.12
N LYS D 32 34.11 -20.16 18.38
CA LYS D 32 35.11 -21.23 18.40
C LYS D 32 35.17 -22.07 17.14
N ALA D 33 34.06 -22.25 16.42
CA ALA D 33 34.10 -23.10 15.24
C ALA D 33 32.85 -22.91 14.38
N PHE D 34 32.95 -23.40 13.14
CA PHE D 34 31.85 -23.33 12.21
C PHE D 34 32.07 -24.43 11.19
N ASP D 35 31.04 -24.80 10.49
CA ASP D 35 31.16 -25.81 9.43
C ASP D 35 30.67 -25.16 8.16
N LYS D 36 30.63 -25.90 7.07
CA LYS D 36 30.21 -25.34 5.78
C LYS D 36 28.73 -24.96 5.71
N HIS D 37 27.90 -25.46 6.61
CA HIS D 37 26.49 -25.12 6.70
C HIS D 37 26.29 -23.87 7.54
N MET D 38 27.36 -23.25 8.04
CA MET D 38 27.34 -22.06 8.88
C MET D 38 26.84 -22.36 10.28
N ASN D 39 26.86 -23.63 10.67
CA ASN D 39 26.50 -24.00 12.02
C ASN D 39 27.70 -23.48 12.84
N LEU D 40 27.44 -22.92 14.01
CA LEU D 40 28.51 -22.38 14.80
C LEU D 40 28.57 -22.95 16.21
N ILE D 41 29.76 -22.83 16.78
CA ILE D 41 29.95 -23.20 18.17
C ILE D 41 30.32 -21.82 18.79
N LEU D 42 29.56 -21.39 19.77
CA LEU D 42 29.75 -20.17 20.51
C LEU D 42 29.89 -20.47 22.00
N CYS D 43 31.01 -20.05 22.62
CA CYS D 43 31.12 -20.37 24.04
C CYS D 43 30.80 -19.12 24.84
N ASP D 44 30.38 -19.29 26.10
CA ASP D 44 30.01 -18.15 26.94
C ASP D 44 29.05 -17.24 26.16
N CYS D 45 28.04 -17.87 25.57
CA CYS D 45 27.08 -17.18 24.73
C CYS D 45 25.85 -16.65 25.47
N ASP D 46 25.49 -15.41 25.15
CA ASP D 46 24.29 -14.80 25.68
C ASP D 46 23.36 -14.51 24.48
N GLU D 47 22.08 -14.59 24.67
CA GLU D 47 21.10 -14.30 23.65
C GLU D 47 20.35 -13.02 24.03
N PHE D 48 20.17 -12.16 23.04
CA PHE D 48 19.47 -10.89 23.20
C PHE D 48 18.33 -10.81 22.18
N ARG D 49 17.16 -10.46 22.65
CA ARG D 49 16.00 -10.33 21.75
C ARG D 49 15.45 -8.90 21.91
N LYS D 50 15.25 -8.20 20.83
CA LYS D 50 14.69 -6.86 20.87
C LYS D 50 13.25 -7.00 20.32
N ILE D 51 12.34 -6.62 21.17
CA ILE D 51 10.91 -6.71 20.96
C ILE D 51 10.26 -5.31 20.94
N LYS D 52 9.53 -5.08 19.88
CA LYS D 52 8.76 -3.87 19.67
C LYS D 52 7.30 -4.31 19.90
N PRO D 53 6.74 -3.94 21.04
CA PRO D 53 5.38 -4.31 21.41
C PRO D 53 4.32 -3.78 20.46
N LYS D 54 3.27 -4.58 20.25
CA LYS D 54 2.16 -4.19 19.37
C LYS D 54 1.64 -2.80 19.72
N ASN D 55 1.40 -2.62 21.02
CA ASN D 55 0.91 -1.34 21.52
C ASN D 55 2.01 -0.30 21.49
N SER D 56 1.82 0.75 20.70
CA SER D 56 2.75 1.86 20.55
C SER D 56 3.13 2.58 21.82
N LYS D 57 2.30 2.59 22.86
CA LYS D 57 2.67 3.26 24.09
C LYS D 57 3.37 2.30 25.04
N GLN D 58 3.53 1.03 24.65
CA GLN D 58 4.24 0.07 25.48
C GLN D 58 5.73 0.22 25.14
N ALA D 59 6.62 0.08 26.12
CA ALA D 59 8.03 0.26 25.86
C ALA D 59 8.69 -0.81 25.00
N GLU D 60 9.64 -0.40 24.17
CA GLU D 60 10.39 -1.37 23.36
C GLU D 60 11.21 -2.14 24.42
N ARG D 61 11.42 -3.43 24.22
CA ARG D 61 12.09 -4.21 25.26
C ARG D 61 13.23 -5.06 24.72
N GLU D 62 14.31 -5.12 25.50
CA GLU D 62 15.44 -5.94 25.13
C GLU D 62 15.57 -7.01 26.20
N GLU D 63 15.55 -8.28 25.83
CA GLU D 63 15.64 -9.37 26.77
C GLU D 63 16.96 -10.09 26.62
N LYS D 64 17.59 -10.42 27.73
CA LYS D 64 18.85 -11.15 27.71
C LYS D 64 18.74 -12.44 28.50
N ARG D 65 19.26 -13.52 27.93
CA ARG D 65 19.34 -14.82 28.53
C ARG D 65 20.81 -15.29 28.45
N VAL D 66 21.34 -15.84 29.52
CA VAL D 66 22.72 -16.35 29.52
C VAL D 66 22.57 -17.77 29.01
N LEU D 67 23.21 -18.19 27.91
CA LEU D 67 22.95 -19.56 27.47
C LEU D 67 24.10 -20.50 27.83
N GLY D 68 25.36 -20.10 27.59
CA GLY D 68 26.44 -21.03 27.92
C GLY D 68 27.15 -21.46 26.61
N LEU D 69 27.38 -22.75 26.44
CA LEU D 69 28.06 -23.30 25.26
C LEU D 69 26.95 -23.57 24.22
N VAL D 70 26.96 -22.78 23.15
CA VAL D 70 25.88 -22.96 22.18
C VAL D 70 26.28 -23.48 20.82
N LEU D 71 25.46 -24.36 20.26
CA LEU D 71 25.65 -24.83 18.91
C LEU D 71 24.50 -24.10 18.16
N LEU D 72 24.85 -23.09 17.40
CA LEU D 72 23.83 -22.30 16.67
C LEU D 72 23.67 -22.81 15.25
N ARG D 73 22.46 -23.21 14.85
CA ARG D 73 22.29 -23.75 13.51
C ARG D 73 22.44 -22.65 12.47
N GLY D 74 23.26 -22.96 11.44
CA GLY D 74 23.48 -21.92 10.44
C GLY D 74 22.37 -21.57 9.51
N GLU D 75 21.33 -22.38 9.31
CA GLU D 75 20.30 -21.95 8.35
C GLU D 75 19.48 -20.73 8.71
N ASN D 76 19.40 -20.30 9.96
CA ASN D 76 18.71 -19.12 10.40
C ASN D 76 19.65 -17.92 10.54
N LEU D 77 20.95 -18.15 10.47
CA LEU D 77 21.98 -17.13 10.64
C LEU D 77 22.14 -16.27 9.40
N VAL D 78 21.95 -14.95 9.54
CA VAL D 78 22.06 -14.09 8.38
C VAL D 78 23.23 -13.14 8.47
N SER D 79 23.76 -12.91 9.66
CA SER D 79 24.83 -11.92 9.74
C SER D 79 25.66 -12.10 11.00
N MET D 80 26.92 -11.70 10.90
CA MET D 80 27.85 -11.80 12.00
C MET D 80 28.73 -10.55 12.02
N THR D 81 28.90 -9.95 13.19
CA THR D 81 29.76 -8.75 13.25
C THR D 81 30.66 -8.93 14.48
N VAL D 82 31.86 -8.37 14.42
CA VAL D 82 32.78 -8.45 15.54
C VAL D 82 32.27 -7.66 16.73
N GLU D 83 32.14 -8.35 17.85
CA GLU D 83 31.68 -7.68 19.07
C GLU D 83 32.92 -7.20 19.83
N GLY D 84 33.98 -8.00 19.80
CA GLY D 84 35.22 -7.64 20.48
C GLY D 84 36.33 -8.63 20.15
N PRO D 85 37.60 -8.27 20.40
CA PRO D 85 38.73 -9.13 20.14
C PRO D 85 38.70 -10.39 20.97
N PRO D 86 39.47 -11.41 20.62
CA PRO D 86 39.51 -12.65 21.38
C PRO D 86 39.71 -12.36 22.87
N PRO D 87 38.84 -12.88 23.72
CA PRO D 87 38.89 -12.65 25.15
C PRO D 87 40.28 -12.87 25.76
N SER E 2 12.23 -13.89 -23.15
CA SER E 2 12.74 -12.62 -23.65
C SER E 2 13.57 -11.88 -22.61
N ILE E 3 13.17 -11.96 -21.34
CA ILE E 3 13.94 -11.26 -20.31
C ILE E 3 14.92 -12.19 -19.63
N GLY E 4 14.73 -13.50 -19.79
CA GLY E 4 15.62 -14.48 -19.21
C GLY E 4 14.94 -15.30 -18.10
N VAL E 5 15.61 -16.37 -17.76
CA VAL E 5 15.23 -17.30 -16.69
C VAL E 5 15.29 -16.46 -15.42
N PRO E 6 14.41 -16.66 -14.46
CA PRO E 6 14.41 -15.91 -13.22
C PRO E 6 15.76 -15.71 -12.59
N ILE E 7 16.65 -16.68 -12.50
CA ILE E 7 17.99 -16.58 -11.94
C ILE E 7 18.84 -15.57 -12.69
N LYS E 8 18.65 -15.52 -14.01
CA LYS E 8 19.36 -14.59 -14.87
C LYS E 8 18.96 -13.16 -14.55
N VAL E 9 17.68 -12.91 -14.35
CA VAL E 9 17.15 -11.61 -14.00
C VAL E 9 17.68 -11.19 -12.62
N LEU E 10 17.73 -12.15 -11.70
CA LEU E 10 18.27 -11.85 -10.36
C LEU E 10 19.74 -11.45 -10.48
N HIS E 11 20.50 -12.19 -11.31
CA HIS E 11 21.92 -11.90 -11.53
C HIS E 11 22.10 -10.48 -12.03
N GLU E 12 21.26 -10.00 -12.93
CA GLU E 12 21.38 -8.64 -13.42
C GLU E 12 21.00 -7.63 -12.34
N ALA E 13 20.40 -8.02 -11.20
CA ALA E 13 20.09 -7.09 -10.14
C ALA E 13 21.32 -6.85 -9.29
N GLU E 14 22.38 -7.66 -9.42
CA GLU E 14 23.58 -7.46 -8.64
C GLU E 14 24.20 -6.09 -8.90
N GLY E 15 24.57 -5.43 -7.82
CA GLY E 15 25.11 -4.09 -7.83
C GLY E 15 23.97 -3.12 -7.61
N HIS E 16 22.71 -3.60 -7.63
CA HIS E 16 21.58 -2.72 -7.41
C HIS E 16 20.84 -2.98 -6.09
N ILE E 17 20.02 -2.01 -5.73
CA ILE E 17 19.21 -2.14 -4.52
C ILE E 17 18.03 -3.07 -4.79
N VAL E 18 17.82 -4.02 -3.89
CA VAL E 18 16.71 -4.95 -4.00
C VAL E 18 16.04 -5.00 -2.62
N THR E 19 14.84 -5.53 -2.62
CA THR E 19 14.03 -5.73 -1.45
C THR E 19 13.77 -7.24 -1.41
N CYS E 20 14.05 -7.83 -0.27
CA CYS E 20 13.79 -9.26 -0.07
C CYS E 20 12.81 -9.46 1.08
N GLU E 21 11.66 -10.07 0.84
CA GLU E 21 10.68 -10.32 1.91
C GLU E 21 10.74 -11.82 2.18
N THR E 22 11.00 -12.21 3.40
CA THR E 22 11.13 -13.60 3.76
C THR E 22 9.76 -14.23 4.02
N ASN E 23 9.78 -15.55 4.12
CA ASN E 23 8.59 -16.36 4.39
C ASN E 23 8.04 -16.11 5.78
N THR E 24 8.81 -15.51 6.68
CA THR E 24 8.26 -15.23 8.02
C THR E 24 8.00 -13.74 8.17
N GLY E 25 7.89 -12.98 7.08
CA GLY E 25 7.62 -11.55 7.17
C GLY E 25 8.72 -10.55 7.41
N GLU E 26 10.00 -10.91 7.49
CA GLU E 26 11.05 -9.93 7.65
C GLU E 26 11.29 -9.28 6.27
N VAL E 27 11.62 -8.00 6.23
CA VAL E 27 11.89 -7.36 4.93
C VAL E 27 13.34 -6.86 4.98
N TYR E 28 14.16 -7.28 4.02
CA TYR E 28 15.54 -6.83 3.96
C TYR E 28 15.72 -5.99 2.69
N ARG E 29 16.17 -4.76 2.84
CA ARG E 29 16.35 -3.93 1.64
C ARG E 29 17.78 -3.39 1.60
N GLY E 30 18.43 -3.60 0.47
CA GLY E 30 19.81 -3.11 0.33
C GLY E 30 20.38 -3.58 -1.00
N LYS E 31 21.69 -3.37 -1.14
CA LYS E 31 22.38 -3.72 -2.37
C LYS E 31 22.62 -5.20 -2.50
N LEU E 32 22.17 -5.77 -3.63
CA LEU E 32 22.43 -7.20 -3.87
C LEU E 32 23.89 -7.25 -4.36
N ILE E 33 24.72 -8.01 -3.68
CA ILE E 33 26.13 -8.14 -4.02
C ILE E 33 26.28 -9.39 -4.88
N GLU E 34 25.66 -10.46 -4.40
CA GLU E 34 25.75 -11.73 -5.12
C GLU E 34 24.56 -12.65 -4.89
N ALA E 35 24.04 -13.19 -5.95
CA ALA E 35 22.94 -14.16 -5.90
C ALA E 35 23.54 -15.51 -6.31
N GLU E 36 23.43 -16.55 -5.51
CA GLU E 36 23.96 -17.85 -5.91
C GLU E 36 22.92 -18.52 -6.77
N ASP E 37 23.23 -19.69 -7.31
CA ASP E 37 22.32 -20.45 -8.15
C ASP E 37 21.05 -20.88 -7.45
N ASN E 38 21.09 -21.05 -6.13
CA ASN E 38 19.87 -21.44 -5.42
C ASN E 38 19.13 -20.22 -4.91
N MET E 39 19.56 -19.04 -5.32
CA MET E 39 19.02 -17.75 -4.96
C MET E 39 19.35 -17.31 -3.52
N ASN E 40 20.38 -17.90 -2.97
CA ASN E 40 20.90 -17.46 -1.67
C ASN E 40 21.53 -16.12 -2.07
N CYS E 41 21.18 -15.06 -1.38
CA CYS E 41 21.67 -13.74 -1.69
C CYS E 41 22.53 -13.09 -0.62
N GLN E 42 23.66 -12.56 -1.03
CA GLN E 42 24.53 -11.77 -0.16
C GLN E 42 24.08 -10.32 -0.42
N MET E 43 23.81 -9.57 0.64
CA MET E 43 23.34 -8.20 0.48
C MET E 43 24.17 -7.28 1.38
N SER E 44 24.32 -6.01 1.05
CA SER E 44 25.10 -5.16 1.97
C SER E 44 24.39 -3.85 2.19
N ASN E 45 24.78 -3.20 3.28
CA ASN E 45 24.18 -1.93 3.74
C ASN E 45 22.65 -2.00 3.65
N ILE E 46 22.13 -2.97 4.42
CA ILE E 46 20.69 -3.14 4.44
C ILE E 46 19.97 -2.51 5.61
N THR E 47 18.67 -2.33 5.30
CA THR E 47 17.70 -1.87 6.28
C THR E 47 16.76 -3.07 6.43
N VAL E 48 16.61 -3.60 7.63
CA VAL E 48 15.72 -4.73 7.83
C VAL E 48 14.56 -4.28 8.70
N THR E 49 13.37 -4.76 8.33
CA THR E 49 12.18 -4.49 9.12
C THR E 49 11.74 -5.86 9.63
N TYR E 50 11.78 -6.02 10.95
CA TYR E 50 11.41 -7.31 11.52
C TYR E 50 9.90 -7.42 11.54
N ARG E 51 9.43 -8.60 11.88
CA ARG E 51 8.01 -8.92 11.92
C ARG E 51 7.17 -8.06 12.85
N ASP E 52 7.75 -7.60 13.95
CA ASP E 52 7.04 -6.73 14.88
C ASP E 52 7.17 -5.27 14.48
N GLY E 53 7.81 -4.96 13.35
CA GLY E 53 7.99 -3.60 12.87
C GLY E 53 9.29 -2.94 13.26
N ARG E 54 10.11 -3.57 14.10
CA ARG E 54 11.36 -2.94 14.50
C ARG E 54 12.25 -2.86 13.25
N VAL E 55 12.91 -1.73 13.09
CA VAL E 55 13.78 -1.49 11.95
C VAL E 55 15.23 -1.42 12.42
N ALA E 56 16.19 -1.94 11.67
CA ALA E 56 17.59 -1.91 12.04
C ALA E 56 18.40 -1.91 10.75
N GLN E 57 19.68 -1.69 10.89
CA GLN E 57 20.62 -1.67 9.76
C GLN E 57 21.69 -2.74 9.98
N LEU E 58 22.06 -3.41 8.91
CA LEU E 58 23.11 -4.42 9.01
C LEU E 58 24.10 -4.12 7.89
N GLU E 59 25.38 -4.34 8.14
CA GLU E 59 26.36 -4.09 7.08
C GLU E 59 26.23 -5.17 6.02
N GLN E 60 26.10 -6.43 6.38
CA GLN E 60 25.97 -7.48 5.39
C GLN E 60 25.04 -8.59 5.89
N VAL E 61 24.25 -9.17 4.99
CA VAL E 61 23.36 -10.26 5.34
C VAL E 61 23.45 -11.35 4.27
N TYR E 62 23.12 -12.57 4.65
CA TYR E 62 23.07 -13.68 3.72
C TYR E 62 21.66 -14.28 3.83
N ILE E 63 20.83 -14.07 2.83
CA ILE E 63 19.45 -14.57 2.91
C ILE E 63 19.32 -15.77 1.96
N ARG E 64 19.08 -16.97 2.53
CA ARG E 64 19.00 -18.17 1.73
C ARG E 64 17.73 -18.16 0.85
N GLY E 65 17.84 -18.69 -0.38
CA GLY E 65 16.69 -18.66 -1.28
C GLY E 65 15.45 -19.32 -0.70
N CYS E 66 15.64 -20.41 0.04
CA CYS E 66 14.54 -21.14 0.65
C CYS E 66 13.87 -20.38 1.78
N LYS E 67 14.34 -19.20 2.18
CA LYS E 67 13.68 -18.42 3.21
C LYS E 67 12.95 -17.23 2.58
N ILE E 68 13.11 -17.09 1.26
CA ILE E 68 12.52 -15.94 0.60
C ILE E 68 11.13 -16.12 0.06
N ARG E 69 10.24 -15.20 0.35
CA ARG E 69 8.89 -15.22 -0.20
C ARG E 69 9.03 -14.56 -1.60
N PHE E 70 9.58 -13.35 -1.68
CA PHE E 70 9.77 -12.74 -3.00
C PHE E 70 10.85 -11.67 -2.90
N LEU E 71 11.34 -11.29 -4.09
CA LEU E 71 12.29 -10.23 -4.19
C LEU E 71 11.67 -9.15 -5.11
N ILE E 72 11.94 -7.90 -4.76
CA ILE E 72 11.45 -6.77 -5.56
C ILE E 72 12.74 -6.32 -6.25
N LEU E 73 12.74 -6.40 -7.57
CA LEU E 73 13.93 -6.06 -8.34
C LEU E 73 13.75 -4.72 -9.03
N PRO E 74 14.86 -4.08 -9.40
CA PRO E 74 14.81 -2.78 -10.03
C PRO E 74 14.13 -2.80 -11.38
N ASP E 75 13.28 -1.83 -11.64
CA ASP E 75 12.53 -1.55 -12.83
C ASP E 75 11.04 -1.30 -12.58
N LYS F 5 1.95 -24.79 -9.60
CA LYS F 5 1.47 -25.70 -10.63
C LYS F 5 2.31 -26.95 -10.85
N SER F 6 3.58 -26.80 -11.13
CA SER F 6 4.54 -27.85 -11.39
C SER F 6 4.46 -28.43 -12.80
N SER F 7 3.92 -27.67 -13.75
CA SER F 7 3.82 -28.15 -15.12
C SER F 7 3.54 -27.01 -16.10
N LYS F 8 4.12 -27.12 -17.28
CA LYS F 8 4.08 -26.25 -18.42
C LYS F 8 3.38 -24.91 -18.29
N MET F 9 4.19 -23.88 -18.54
CA MET F 9 3.78 -22.50 -18.45
C MET F 9 4.23 -21.54 -19.53
N LEU F 10 5.08 -21.95 -20.47
CA LEU F 10 5.58 -21.11 -21.53
C LEU F 10 4.53 -20.36 -22.34
N GLN F 11 3.36 -20.96 -22.55
CA GLN F 11 2.32 -20.29 -23.34
C GLN F 11 1.52 -19.31 -22.52
N HIS F 12 1.90 -19.06 -21.27
CA HIS F 12 1.21 -18.07 -20.43
C HIS F 12 2.07 -16.81 -20.39
N ILE F 13 3.29 -16.90 -20.92
CA ILE F 13 4.20 -15.75 -20.93
C ILE F 13 3.55 -14.56 -21.58
N ASP F 14 3.74 -13.39 -20.95
CA ASP F 14 3.21 -12.11 -21.37
C ASP F 14 1.80 -11.87 -20.87
N TYR F 15 1.12 -12.94 -20.40
CA TYR F 15 -0.23 -12.77 -19.91
C TYR F 15 -0.19 -12.24 -18.47
N ARG F 16 -1.29 -11.63 -18.10
CA ARG F 16 -1.45 -11.31 -16.69
C ARG F 16 -1.86 -12.52 -15.88
N MET F 17 -1.08 -12.96 -14.98
CA MET F 17 -1.33 -14.20 -14.26
C MET F 17 -1.60 -13.96 -12.77
N ARG F 18 -2.48 -14.79 -12.22
CA ARG F 18 -2.85 -14.72 -10.81
C ARG F 18 -2.12 -15.89 -10.16
N CYS F 19 -1.18 -15.53 -9.28
CA CYS F 19 -0.30 -16.51 -8.65
C CYS F 19 -0.57 -16.51 -7.15
N ILE F 20 -1.14 -17.63 -6.69
CA ILE F 20 -1.54 -17.72 -5.28
C ILE F 20 -0.63 -18.60 -4.46
N LEU F 21 -0.16 -18.06 -3.33
CA LEU F 21 0.72 -18.80 -2.45
C LEU F 21 -0.15 -19.64 -1.49
N GLN F 22 0.47 -20.57 -0.83
CA GLN F 22 -0.16 -21.48 0.10
C GLN F 22 -0.98 -20.80 1.17
N ASP F 23 -0.51 -19.65 1.68
CA ASP F 23 -1.27 -18.93 2.69
C ASP F 23 -2.36 -18.05 2.09
N GLY F 24 -2.59 -18.04 0.79
CA GLY F 24 -3.66 -17.25 0.22
C GLY F 24 -3.24 -15.90 -0.36
N ARG F 25 -2.00 -15.51 -0.21
CA ARG F 25 -1.53 -14.25 -0.77
C ARG F 25 -1.73 -14.33 -2.29
N ILE F 26 -2.28 -13.29 -2.89
CA ILE F 26 -2.49 -13.32 -4.35
C ILE F 26 -1.56 -12.35 -5.05
N PHE F 27 -0.71 -12.84 -5.93
CA PHE F 27 0.23 -12.03 -6.69
C PHE F 27 -0.31 -11.92 -8.11
N ILE F 28 -0.58 -10.68 -8.52
CA ILE F 28 -1.10 -10.45 -9.87
C ILE F 28 -0.07 -9.58 -10.62
N GLY F 29 0.50 -10.19 -11.66
CA GLY F 29 1.50 -9.46 -12.45
C GLY F 29 1.55 -10.00 -13.88
N THR F 30 2.42 -9.39 -14.66
CA THR F 30 2.66 -9.77 -16.05
C THR F 30 3.75 -10.80 -16.02
N PHE F 31 3.37 -12.01 -16.40
CA PHE F 31 4.29 -13.16 -16.37
C PHE F 31 5.39 -13.04 -17.40
N LYS F 32 6.65 -13.04 -16.96
CA LYS F 32 7.74 -12.88 -17.90
C LYS F 32 8.75 -14.01 -17.90
N ALA F 33 8.80 -14.84 -16.86
CA ALA F 33 9.79 -15.90 -16.86
C ALA F 33 9.48 -16.93 -15.78
N PHE F 34 9.97 -18.14 -15.90
CA PHE F 34 9.71 -19.17 -14.91
C PHE F 34 10.87 -20.15 -15.01
N ASP F 35 11.02 -21.01 -14.02
CA ASP F 35 12.08 -22.01 -14.07
C ASP F 35 11.41 -23.31 -13.62
N LYS F 36 12.17 -24.39 -13.60
CA LYS F 36 11.59 -25.69 -13.22
C LYS F 36 11.06 -25.72 -11.81
N HIS F 37 11.61 -24.92 -10.89
CA HIS F 37 11.13 -24.88 -9.52
C HIS F 37 9.90 -23.99 -9.37
N MET F 38 9.39 -23.41 -10.44
CA MET F 38 8.23 -22.56 -10.34
C MET F 38 8.60 -21.15 -9.86
N ASN F 39 9.89 -20.79 -9.86
CA ASN F 39 10.22 -19.43 -9.47
C ASN F 39 9.70 -18.63 -10.67
N LEU F 40 9.02 -17.53 -10.40
CA LEU F 40 8.47 -16.68 -11.42
C LEU F 40 9.04 -15.27 -11.41
N ILE F 41 9.03 -14.61 -12.57
CA ILE F 41 9.40 -13.23 -12.69
C ILE F 41 8.04 -12.60 -13.08
N LEU F 42 7.54 -11.70 -12.27
CA LEU F 42 6.29 -11.02 -12.55
C LEU F 42 6.53 -9.52 -12.61
N CYS F 43 6.26 -8.93 -13.77
CA CYS F 43 6.40 -7.49 -13.97
C CYS F 43 5.14 -6.75 -13.57
N ASP F 44 5.26 -5.51 -13.12
CA ASP F 44 4.16 -4.68 -12.67
C ASP F 44 3.24 -5.48 -11.75
N CYS F 45 3.87 -6.06 -10.73
CA CYS F 45 3.14 -6.94 -9.83
C CYS F 45 2.61 -6.34 -8.55
N ASP F 46 1.37 -6.69 -8.19
CA ASP F 46 0.78 -6.29 -6.94
C ASP F 46 0.46 -7.54 -6.09
N GLU F 47 0.46 -7.37 -4.76
CA GLU F 47 0.10 -8.49 -3.90
C GLU F 47 -1.23 -8.08 -3.23
N PHE F 48 -2.19 -8.98 -3.24
CA PHE F 48 -3.48 -8.84 -2.63
C PHE F 48 -3.62 -9.89 -1.52
N ARG F 49 -4.19 -9.45 -0.41
CA ARG F 49 -4.45 -10.29 0.73
C ARG F 49 -5.90 -10.10 1.18
N LYS F 50 -6.55 -11.19 1.50
CA LYS F 50 -7.94 -11.18 1.99
C LYS F 50 -7.88 -11.69 3.41
N ILE F 51 -8.33 -10.87 4.34
CA ILE F 51 -8.25 -11.17 5.77
C ILE F 51 -9.61 -11.33 6.44
N LYS F 52 -9.83 -12.49 7.08
CA LYS F 52 -11.09 -12.72 7.81
C LYS F 52 -10.77 -12.23 9.23
N PRO F 53 -11.31 -11.09 9.64
CA PRO F 53 -11.09 -10.47 10.94
C PRO F 53 -11.88 -11.25 11.89
N LYS F 54 -13.03 -11.37 11.23
CA LYS F 54 -14.25 -11.99 11.60
C LYS F 54 -14.18 -12.36 13.02
N ASN F 55 -14.25 -11.26 13.70
CA ASN F 55 -14.36 -11.15 15.10
C ASN F 55 -15.84 -11.45 15.11
N SER F 56 -16.16 -11.66 13.83
CA SER F 56 -17.35 -12.04 13.06
C SER F 56 -18.40 -11.01 12.71
N LYS F 57 -18.40 -9.83 13.22
CA LYS F 57 -19.44 -9.03 12.63
C LYS F 57 -18.79 -8.02 11.70
N GLN F 58 -17.47 -8.16 11.55
CA GLN F 58 -16.62 -7.36 10.68
C GLN F 58 -16.55 -8.11 9.34
N ALA F 59 -16.78 -7.45 8.18
CA ALA F 59 -16.71 -8.18 6.92
C ALA F 59 -15.27 -8.57 6.62
N GLU F 60 -15.05 -9.26 5.50
CA GLU F 60 -13.70 -9.64 5.09
C GLU F 60 -12.97 -8.37 4.64
N ARG F 61 -11.71 -8.14 4.95
CA ARG F 61 -11.03 -6.95 4.47
C ARG F 61 -9.91 -7.29 3.50
N GLU F 62 -9.47 -6.28 2.74
CA GLU F 62 -8.42 -6.50 1.76
C GLU F 62 -7.27 -5.52 1.82
N GLU F 63 -6.08 -6.07 1.57
CA GLU F 63 -4.87 -5.28 1.56
C GLU F 63 -4.18 -5.46 0.19
N LYS F 64 -3.72 -4.32 -0.31
CA LYS F 64 -3.01 -4.36 -1.59
C LYS F 64 -1.63 -3.73 -1.42
N ARG F 65 -0.62 -4.38 -2.00
CA ARG F 65 0.73 -3.83 -1.92
C ARG F 65 1.23 -3.69 -3.35
N VAL F 66 1.49 -2.47 -3.77
CA VAL F 66 2.03 -2.28 -5.13
C VAL F 66 3.48 -2.70 -5.04
N LEU F 67 3.92 -3.76 -5.72
CA LEU F 67 5.30 -4.18 -5.60
C LEU F 67 6.21 -3.73 -6.74
N GLY F 68 5.94 -4.06 -7.99
CA GLY F 68 6.84 -3.68 -9.08
C GLY F 68 7.29 -4.96 -9.79
N LEU F 69 8.57 -5.11 -10.06
CA LEU F 69 9.16 -6.24 -10.71
C LEU F 69 9.51 -7.27 -9.63
N VAL F 70 8.72 -8.34 -9.61
CA VAL F 70 8.85 -9.39 -8.62
C VAL F 70 9.37 -10.73 -9.07
N LEU F 71 10.24 -11.29 -8.23
CA LEU F 71 10.77 -12.62 -8.40
C LEU F 71 10.06 -13.42 -7.27
N LEU F 72 9.02 -14.14 -7.62
CA LEU F 72 8.21 -14.89 -6.68
C LEU F 72 8.80 -16.30 -6.51
N ARG F 73 9.11 -16.73 -5.30
CA ARG F 73 9.68 -18.04 -5.11
C ARG F 73 8.60 -19.10 -5.30
N GLY F 74 8.94 -20.08 -6.09
CA GLY F 74 8.04 -21.14 -6.46
C GLY F 74 7.58 -22.09 -5.39
N GLU F 75 8.39 -22.33 -4.39
CA GLU F 75 8.07 -23.27 -3.32
C GLU F 75 6.81 -22.97 -2.56
N ASN F 76 6.33 -21.72 -2.52
CA ASN F 76 5.13 -21.37 -1.82
C ASN F 76 3.95 -21.24 -2.79
N LEU F 77 4.19 -21.42 -4.08
CA LEU F 77 3.10 -21.20 -5.04
C LEU F 77 2.22 -22.42 -5.18
N VAL F 78 0.91 -22.27 -5.02
CA VAL F 78 0.05 -23.45 -5.12
C VAL F 78 -0.92 -23.40 -6.30
N SER F 79 -1.25 -22.22 -6.78
CA SER F 79 -2.15 -22.10 -7.91
C SER F 79 -1.70 -20.97 -8.84
N MET F 80 -1.94 -21.13 -10.13
CA MET F 80 -1.57 -20.08 -11.09
C MET F 80 -2.66 -20.09 -12.15
N THR F 81 -3.35 -18.98 -12.38
CA THR F 81 -4.42 -18.96 -13.36
C THR F 81 -4.28 -17.70 -14.21
N VAL F 82 -4.93 -17.73 -15.36
CA VAL F 82 -4.84 -16.56 -16.22
C VAL F 82 -5.72 -15.45 -15.69
N GLU F 83 -5.09 -14.29 -15.49
CA GLU F 83 -5.85 -13.16 -15.01
C GLU F 83 -6.42 -12.34 -16.17
N GLY F 84 -5.61 -12.18 -17.20
CA GLY F 84 -6.07 -11.37 -18.33
C GLY F 84 -5.02 -11.45 -19.42
N PRO F 85 -5.37 -10.91 -20.58
CA PRO F 85 -4.47 -10.92 -21.72
C PRO F 85 -3.27 -10.02 -21.48
N PRO F 86 -2.28 -10.11 -22.35
CA PRO F 86 -1.10 -9.27 -22.25
C PRO F 86 -1.54 -7.82 -22.36
N PRO F 87 -1.04 -6.99 -21.47
CA PRO F 87 -1.37 -5.57 -21.45
C PRO F 87 -0.84 -4.88 -22.70
N ILE G 3 -3.19 40.06 -33.71
CA ILE G 3 -4.64 40.24 -33.62
C ILE G 3 -5.05 40.59 -32.19
N GLY G 4 -4.06 40.56 -31.29
CA GLY G 4 -4.31 40.87 -29.90
C GLY G 4 -3.53 40.04 -28.90
N VAL G 5 -3.63 40.47 -27.67
CA VAL G 5 -3.09 39.88 -26.44
C VAL G 5 -4.36 39.14 -26.02
N PRO G 6 -4.29 37.93 -25.51
CA PRO G 6 -5.49 37.19 -25.15
C PRO G 6 -6.55 38.02 -24.45
N ILE G 7 -6.20 38.79 -23.42
CA ILE G 7 -7.18 39.62 -22.70
C ILE G 7 -7.84 40.64 -23.62
N LYS G 8 -7.08 41.17 -24.60
CA LYS G 8 -7.70 42.11 -25.52
C LYS G 8 -8.69 41.39 -26.41
N VAL G 9 -8.39 40.17 -26.83
CA VAL G 9 -9.35 39.44 -27.67
C VAL G 9 -10.60 39.15 -26.84
N LEU G 10 -10.42 38.76 -25.56
CA LEU G 10 -11.55 38.51 -24.67
C LEU G 10 -12.41 39.77 -24.52
N HIS G 11 -11.78 40.91 -24.33
CA HIS G 11 -12.51 42.18 -24.19
C HIS G 11 -13.37 42.49 -25.40
N GLU G 12 -12.90 42.19 -26.62
CA GLU G 12 -13.68 42.42 -27.81
C GLU G 12 -14.88 41.50 -27.93
N ALA G 13 -14.98 40.46 -27.09
CA ALA G 13 -16.12 39.57 -27.13
C ALA G 13 -17.21 40.13 -26.23
N GLU G 14 -16.91 41.15 -25.43
CA GLU G 14 -17.91 41.72 -24.54
C GLU G 14 -19.08 42.17 -25.41
N GLY G 15 -20.30 41.77 -25.03
CA GLY G 15 -21.50 42.08 -25.79
C GLY G 15 -21.86 40.96 -26.72
N HIS G 16 -21.01 39.92 -26.82
CA HIS G 16 -21.30 38.80 -27.69
C HIS G 16 -21.47 37.52 -26.87
N ILE G 17 -22.09 36.53 -27.48
CA ILE G 17 -22.30 35.24 -26.83
C ILE G 17 -21.00 34.45 -26.82
N VAL G 18 -20.64 33.91 -25.67
CA VAL G 18 -19.40 33.13 -25.57
C VAL G 18 -19.73 31.84 -24.83
N THR G 19 -18.85 30.86 -25.04
CA THR G 19 -18.99 29.59 -24.34
C THR G 19 -17.79 29.56 -23.37
N CYS G 20 -18.09 29.33 -22.13
CA CYS G 20 -17.08 29.18 -21.11
C CYS G 20 -17.09 27.75 -20.57
N GLU G 21 -16.01 26.98 -20.72
CA GLU G 21 -15.93 25.64 -20.19
C GLU G 21 -15.02 25.69 -18.97
N THR G 22 -15.53 25.26 -17.82
CA THR G 22 -14.80 25.27 -16.60
C THR G 22 -13.88 24.06 -16.45
N ASN G 23 -12.95 24.19 -15.51
CA ASN G 23 -12.00 23.16 -15.18
C ASN G 23 -12.69 21.93 -14.59
N THR G 24 -13.95 21.99 -14.16
CA THR G 24 -14.64 20.85 -13.61
C THR G 24 -15.72 20.38 -14.57
N GLY G 25 -15.64 20.80 -15.81
CA GLY G 25 -16.53 20.41 -16.86
C GLY G 25 -17.90 21.01 -16.98
N GLU G 26 -18.17 22.13 -16.32
CA GLU G 26 -19.47 22.78 -16.51
C GLU G 26 -19.29 23.62 -17.78
N VAL G 27 -20.37 23.81 -18.51
CA VAL G 27 -20.33 24.60 -19.72
C VAL G 27 -21.33 25.76 -19.55
N TYR G 28 -20.79 26.98 -19.61
CA TYR G 28 -21.65 28.16 -19.47
C TYR G 28 -21.67 28.90 -20.81
N ARG G 29 -22.88 29.01 -21.36
CA ARG G 29 -22.99 29.70 -22.65
C ARG G 29 -23.97 30.87 -22.56
N GLY G 30 -23.52 32.04 -22.96
CA GLY G 30 -24.42 33.20 -22.88
C GLY G 30 -23.65 34.46 -23.27
N LYS G 31 -24.29 35.59 -22.99
CA LYS G 31 -23.69 36.86 -23.33
C LYS G 31 -22.68 37.30 -22.31
N LEU G 32 -21.51 37.62 -22.85
CA LEU G 32 -20.40 38.11 -22.05
C LEU G 32 -20.66 39.59 -21.80
N ILE G 33 -20.84 40.02 -20.58
CA ILE G 33 -21.13 41.44 -20.32
C ILE G 33 -19.81 42.16 -20.11
N GLU G 34 -18.97 41.49 -19.31
CA GLU G 34 -17.67 42.07 -19.02
C GLU G 34 -16.62 41.10 -18.58
N ALA G 35 -15.40 41.22 -19.07
CA ALA G 35 -14.29 40.38 -18.62
C ALA G 35 -13.36 41.30 -17.81
N GLU G 36 -12.88 40.87 -16.65
CA GLU G 36 -11.96 41.68 -15.87
C GLU G 36 -10.56 41.34 -16.38
N ASP G 37 -9.52 42.00 -15.90
CA ASP G 37 -8.16 41.72 -16.36
C ASP G 37 -7.63 40.34 -16.00
N ASN G 38 -8.20 39.69 -15.00
CA ASN G 38 -7.82 38.37 -14.56
C ASN G 38 -8.68 37.30 -15.23
N MET G 39 -9.54 37.72 -16.14
CA MET G 39 -10.44 36.94 -16.94
C MET G 39 -11.67 36.45 -16.20
N ASN G 40 -11.99 37.03 -15.07
CA ASN G 40 -13.22 36.75 -14.35
C ASN G 40 -14.30 37.34 -15.28
N CYS G 41 -15.30 36.55 -15.62
CA CYS G 41 -16.33 36.99 -16.56
C CYS G 41 -17.74 37.09 -16.00
N GLN G 42 -18.36 38.21 -16.32
CA GLN G 42 -19.76 38.45 -15.91
C GLN G 42 -20.53 38.06 -17.16
N MET G 43 -21.49 37.17 -17.07
CA MET G 43 -22.22 36.76 -18.27
C MET G 43 -23.72 36.86 -17.97
N SER G 44 -24.55 37.00 -19.01
CA SER G 44 -25.96 37.08 -18.64
C SER G 44 -26.79 36.22 -19.58
N ASN G 45 -27.98 35.85 -19.06
CA ASN G 45 -28.90 35.02 -19.84
C ASN G 45 -28.17 33.78 -20.33
N ILE G 46 -27.67 32.99 -19.35
CA ILE G 46 -26.90 31.85 -19.78
C ILE G 46 -27.61 30.53 -19.74
N THR G 47 -27.06 29.59 -20.51
CA THR G 47 -27.54 28.21 -20.50
C THR G 47 -26.36 27.46 -19.85
N VAL G 48 -26.57 26.71 -18.80
CA VAL G 48 -25.44 26.04 -18.16
C VAL G 48 -25.71 24.54 -18.30
N THR G 49 -24.68 23.82 -18.66
CA THR G 49 -24.73 22.37 -18.76
C THR G 49 -23.80 21.86 -17.67
N TYR G 50 -24.37 21.21 -16.67
CA TYR G 50 -23.57 20.70 -15.57
C TYR G 50 -22.83 19.44 -16.01
N ARG G 51 -21.91 19.03 -15.17
CA ARG G 51 -21.05 17.87 -15.31
C ARG G 51 -21.87 16.62 -15.62
N ASP G 52 -23.01 16.43 -14.97
CA ASP G 52 -23.88 15.28 -15.19
C ASP G 52 -24.81 15.44 -16.38
N GLY G 53 -24.65 16.51 -17.16
CA GLY G 53 -25.46 16.79 -18.32
C GLY G 53 -26.74 17.55 -18.02
N ARG G 54 -27.03 17.86 -16.75
CA ARG G 54 -28.26 18.60 -16.48
C ARG G 54 -28.14 20.02 -17.07
N VAL G 55 -29.19 20.52 -17.68
CA VAL G 55 -29.16 21.85 -18.28
C VAL G 55 -30.02 22.81 -17.48
N ALA G 56 -29.55 24.03 -17.21
CA ALA G 56 -30.37 25.01 -16.52
C ALA G 56 -30.11 26.38 -17.16
N GLN G 57 -30.91 27.37 -16.79
CA GLN G 57 -30.76 28.73 -17.29
C GLN G 57 -30.57 29.62 -16.07
N LEU G 58 -29.66 30.58 -16.18
CA LEU G 58 -29.41 31.51 -15.09
C LEU G 58 -29.43 32.93 -15.70
N GLU G 59 -30.00 33.92 -15.03
CA GLU G 59 -30.01 35.28 -15.58
C GLU G 59 -28.62 35.90 -15.62
N GLN G 60 -27.83 35.66 -14.57
CA GLN G 60 -26.48 36.24 -14.52
C GLN G 60 -25.50 35.32 -13.82
N VAL G 61 -24.26 35.20 -14.25
CA VAL G 61 -23.28 34.38 -13.54
C VAL G 61 -21.91 35.08 -13.56
N TYR G 62 -21.12 34.83 -12.54
CA TYR G 62 -19.78 35.39 -12.49
C TYR G 62 -18.83 34.15 -12.51
N ILE G 63 -18.10 33.96 -13.59
CA ILE G 63 -17.22 32.80 -13.67
C ILE G 63 -15.78 33.31 -13.52
N ARG G 64 -15.06 32.80 -12.52
CA ARG G 64 -13.69 33.30 -12.33
C ARG G 64 -12.73 32.67 -13.32
N GLY G 65 -11.80 33.52 -13.76
CA GLY G 65 -10.79 33.15 -14.74
C GLY G 65 -10.02 31.90 -14.32
N CYS G 66 -9.71 31.76 -13.03
CA CYS G 66 -9.00 30.62 -12.51
C CYS G 66 -9.85 29.34 -12.52
N LYS G 67 -11.13 29.40 -12.90
CA LYS G 67 -12.00 28.24 -12.96
C LYS G 67 -12.25 27.85 -14.41
N ILE G 68 -11.72 28.64 -15.35
CA ILE G 68 -12.00 28.37 -16.75
C ILE G 68 -10.94 27.53 -17.45
N ARG G 69 -11.42 26.53 -18.19
CA ARG G 69 -10.52 25.67 -18.96
C ARG G 69 -10.27 26.36 -20.30
N PHE G 70 -11.37 26.87 -20.88
CA PHE G 70 -11.25 27.63 -22.10
C PHE G 70 -12.53 28.40 -22.42
N LEU G 71 -12.38 29.38 -23.31
CA LEU G 71 -13.55 30.11 -23.78
C LEU G 71 -13.65 29.98 -25.30
N ILE G 72 -14.87 29.91 -25.80
CA ILE G 72 -15.09 29.85 -27.24
C ILE G 72 -15.55 31.27 -27.60
N LEU G 73 -14.75 32.00 -28.37
CA LEU G 73 -15.12 33.38 -28.69
C LEU G 73 -15.66 33.48 -30.12
N PRO G 74 -16.45 34.51 -30.38
CA PRO G 74 -17.05 34.69 -31.70
C PRO G 74 -15.98 34.76 -32.75
N ASP G 75 -16.20 34.14 -33.89
CA ASP G 75 -15.32 34.08 -35.03
C ASP G 75 -14.57 32.75 -35.11
N VAL H 3 6.36 25.94 -20.24
CA VAL H 3 5.76 25.20 -21.38
C VAL H 3 6.19 26.08 -22.55
N GLY H 4 7.42 25.85 -22.93
CA GLY H 4 7.95 26.74 -23.87
C GLY H 4 7.89 28.14 -23.20
N LYS H 5 8.60 28.36 -22.09
CA LYS H 5 8.54 29.67 -21.46
C LYS H 5 8.39 30.79 -22.47
N SER H 6 7.79 31.75 -21.91
CA SER H 6 7.40 32.96 -22.51
C SER H 6 8.43 33.71 -23.36
N SER H 7 9.65 33.19 -23.49
CA SER H 7 10.61 33.91 -24.30
C SER H 7 10.37 33.72 -25.79
N LYS H 8 10.17 34.85 -26.47
CA LYS H 8 9.94 34.85 -27.89
C LYS H 8 9.26 33.54 -28.28
N MET H 9 8.10 33.36 -27.68
CA MET H 9 7.19 32.22 -27.90
C MET H 9 6.46 32.50 -29.20
N LEU H 10 6.69 33.77 -29.56
CA LEU H 10 6.28 34.51 -30.72
C LEU H 10 6.87 33.83 -31.96
N GLN H 11 7.88 32.98 -31.74
CA GLN H 11 8.50 32.23 -32.83
C GLN H 11 7.47 31.29 -33.46
N HIS H 12 6.50 30.86 -32.65
CA HIS H 12 5.47 29.96 -33.15
C HIS H 12 4.13 30.61 -33.58
N ILE H 13 4.02 31.92 -33.48
CA ILE H 13 2.80 32.63 -33.88
C ILE H 13 2.50 32.30 -35.31
N ASP H 14 1.26 31.96 -35.64
CA ASP H 14 0.77 31.63 -36.95
C ASP H 14 0.86 30.14 -37.28
N TYR H 15 1.67 29.39 -36.55
CA TYR H 15 1.77 27.97 -36.85
C TYR H 15 0.60 27.19 -36.22
N ARG H 16 0.38 26.00 -36.70
CA ARG H 16 -0.55 25.07 -36.11
C ARG H 16 0.17 24.48 -34.90
N MET H 17 -0.35 24.66 -33.70
CA MET H 17 0.32 24.14 -32.52
C MET H 17 -0.57 23.17 -31.76
N ARG H 18 0.09 22.18 -31.19
CA ARG H 18 -0.54 21.17 -30.36
C ARG H 18 -0.31 21.57 -28.90
N CYS H 19 -1.39 21.95 -28.24
CA CYS H 19 -1.34 22.43 -26.86
C CYS H 19 -1.96 21.40 -25.93
N ILE H 20 -1.12 20.79 -25.10
CA ILE H 20 -1.63 19.74 -24.22
C ILE H 20 -1.77 20.12 -22.76
N LEU H 21 -2.97 19.89 -22.23
CA LEU H 21 -3.24 20.16 -20.82
C LEU H 21 -2.71 19.03 -19.94
N GLN H 22 -2.68 19.27 -18.63
CA GLN H 22 -2.20 18.30 -17.67
C GLN H 22 -2.90 16.95 -17.64
N ASP H 23 -4.16 16.92 -18.02
CA ASP H 23 -4.99 15.73 -18.08
C ASP H 23 -4.92 15.04 -19.44
N GLY H 24 -4.10 15.53 -20.35
CA GLY H 24 -3.94 14.93 -21.65
C GLY H 24 -4.83 15.44 -22.75
N ARG H 25 -5.75 16.36 -22.48
CA ARG H 25 -6.59 16.94 -23.52
C ARG H 25 -5.63 17.61 -24.51
N ILE H 26 -5.89 17.46 -25.80
CA ILE H 26 -5.02 18.04 -26.82
C ILE H 26 -5.73 19.11 -27.62
N PHE H 27 -5.25 20.34 -27.55
CA PHE H 27 -5.87 21.41 -28.31
C PHE H 27 -4.99 21.70 -29.50
N ILE H 28 -5.54 21.58 -30.70
CA ILE H 28 -4.77 21.87 -31.92
C ILE H 28 -5.45 23.06 -32.60
N GLY H 29 -4.74 24.14 -32.79
CA GLY H 29 -5.27 25.33 -33.41
C GLY H 29 -4.14 26.20 -33.97
N THR H 30 -4.55 27.23 -34.68
CA THR H 30 -3.60 28.18 -35.26
C THR H 30 -3.28 29.15 -34.13
N PHE H 31 -2.01 29.15 -33.74
CA PHE H 31 -1.54 30.00 -32.62
C PHE H 31 -1.51 31.46 -32.96
N LYS H 32 -2.35 32.26 -32.32
CA LYS H 32 -2.44 33.68 -32.62
C LYS H 32 -1.99 34.61 -31.51
N ALA H 33 -1.94 34.21 -30.26
CA ALA H 33 -1.55 35.17 -29.22
C ALA H 33 -1.32 34.44 -27.91
N PHE H 34 -0.52 35.04 -27.06
CA PHE H 34 -0.18 34.48 -25.77
C PHE H 34 0.17 35.59 -24.79
N ASP H 35 0.16 35.27 -23.51
CA ASP H 35 0.53 36.29 -22.52
C ASP H 35 1.51 35.61 -21.58
N LYS H 36 1.97 36.30 -20.56
CA LYS H 36 2.93 35.74 -19.61
C LYS H 36 2.38 34.62 -18.76
N HIS H 37 1.06 34.43 -18.70
CA HIS H 37 0.47 33.36 -17.93
C HIS H 37 0.32 32.09 -18.77
N MET H 38 0.66 32.22 -20.02
CA MET H 38 0.50 31.13 -20.95
C MET H 38 -0.92 31.02 -21.43
N ASN H 39 -1.74 32.05 -21.24
CA ASN H 39 -3.07 32.02 -21.85
C ASN H 39 -2.83 32.10 -23.35
N LEU H 40 -3.54 31.33 -24.16
CA LEU H 40 -3.33 31.39 -25.59
C LEU H 40 -4.60 31.70 -26.38
N ILE H 41 -4.41 32.24 -27.57
CA ILE H 41 -5.53 32.45 -28.48
C ILE H 41 -5.25 31.44 -29.60
N LEU H 42 -6.17 30.50 -29.79
CA LEU H 42 -6.02 29.48 -30.83
C LEU H 42 -7.19 29.59 -31.81
N CYS H 43 -6.93 29.83 -33.09
CA CYS H 43 -8.07 29.96 -34.02
C CYS H 43 -8.24 28.65 -34.76
N ASP H 44 -9.46 28.37 -35.24
CA ASP H 44 -9.75 27.13 -35.96
C ASP H 44 -9.24 25.97 -35.11
N CYS H 45 -9.56 25.99 -33.81
CA CYS H 45 -9.07 25.03 -32.86
C CYS H 45 -9.98 23.86 -32.56
N ASP H 46 -9.41 22.67 -32.43
CA ASP H 46 -10.18 21.50 -32.10
C ASP H 46 -9.57 20.92 -30.81
N GLU H 47 -10.37 20.18 -30.08
CA GLU H 47 -9.83 19.50 -28.89
C GLU H 47 -9.92 18.00 -29.15
N PHE H 48 -8.88 17.27 -28.86
CA PHE H 48 -8.84 15.82 -28.99
C PHE H 48 -8.60 15.23 -27.61
N ARG H 49 -9.32 14.15 -27.34
CA ARG H 49 -9.17 13.47 -26.06
C ARG H 49 -8.99 11.98 -26.40
N LYS H 50 -8.03 11.38 -25.74
CA LYS H 50 -7.71 9.97 -25.91
C LYS H 50 -8.17 9.34 -24.60
N ILE H 51 -9.12 8.42 -24.74
CA ILE H 51 -9.71 7.79 -23.58
C ILE H 51 -9.53 6.28 -23.50
N LYS H 52 -9.11 5.84 -22.33
CA LYS H 52 -8.90 4.41 -22.03
C LYS H 52 -10.09 3.97 -21.16
N PRO H 53 -10.97 3.20 -21.79
CA PRO H 53 -12.17 2.71 -21.14
C PRO H 53 -11.85 1.91 -19.90
N LYS H 54 -12.76 1.92 -18.93
CA LYS H 54 -12.51 1.12 -17.71
C LYS H 54 -12.60 -0.35 -18.15
N ASN H 55 -13.61 -0.64 -18.97
CA ASN H 55 -13.80 -1.99 -19.51
C ASN H 55 -12.58 -2.33 -20.37
N SER H 56 -11.84 -3.31 -19.89
CA SER H 56 -10.63 -3.82 -20.49
C SER H 56 -10.75 -4.52 -21.82
N LYS H 57 -11.95 -4.94 -22.24
CA LYS H 57 -12.11 -5.59 -23.54
C LYS H 57 -12.34 -4.54 -24.64
N GLN H 58 -12.54 -3.29 -24.22
CA GLN H 58 -12.76 -2.21 -25.19
C GLN H 58 -11.45 -1.51 -25.48
N ALA H 59 -11.25 -1.07 -26.72
CA ALA H 59 -10.03 -0.39 -27.11
C ALA H 59 -10.03 1.08 -26.72
N GLU H 60 -8.84 1.68 -26.71
CA GLU H 60 -8.73 3.10 -26.42
C GLU H 60 -9.51 3.87 -27.48
N ARG H 61 -10.27 4.89 -27.13
CA ARG H 61 -11.04 5.61 -28.13
C ARG H 61 -10.65 7.09 -28.12
N GLU H 62 -11.09 7.78 -29.15
CA GLU H 62 -10.80 9.19 -29.30
C GLU H 62 -12.03 10.04 -29.49
N GLU H 63 -11.96 11.25 -28.95
CA GLU H 63 -13.07 12.16 -29.09
C GLU H 63 -12.49 13.45 -29.68
N LYS H 64 -13.21 13.98 -30.66
CA LYS H 64 -12.76 15.25 -31.21
C LYS H 64 -13.92 16.23 -31.07
N ARG H 65 -13.61 17.45 -30.64
CA ARG H 65 -14.61 18.50 -30.54
C ARG H 65 -14.13 19.67 -31.40
N VAL H 66 -14.93 20.09 -32.37
CA VAL H 66 -14.61 21.27 -33.18
C VAL H 66 -14.95 22.47 -32.32
N LEU H 67 -14.02 23.35 -31.94
CA LEU H 67 -14.34 24.48 -31.07
C LEU H 67 -14.43 25.80 -31.79
N GLY H 68 -13.41 26.19 -32.55
CA GLY H 68 -13.45 27.47 -33.27
C GLY H 68 -12.35 28.35 -32.69
N LEU H 69 -12.64 29.58 -32.36
CA LEU H 69 -11.71 30.53 -31.79
C LEU H 69 -11.68 30.32 -30.28
N VAL H 70 -10.57 29.77 -29.80
CA VAL H 70 -10.42 29.44 -28.41
C VAL H 70 -9.43 30.25 -27.61
N LEU H 71 -9.84 30.60 -26.39
CA LEU H 71 -8.94 31.28 -25.46
C LEU H 71 -8.63 30.11 -24.47
N LEU H 72 -7.42 29.57 -24.55
CA LEU H 72 -7.04 28.45 -23.69
C LEU H 72 -6.34 29.00 -22.46
N ARG H 73 -6.82 28.68 -21.26
CA ARG H 73 -6.18 29.17 -20.05
C ARG H 73 -4.88 28.43 -19.82
N GLY H 74 -3.85 29.26 -19.56
CA GLY H 74 -2.51 28.71 -19.40
C GLY H 74 -2.21 27.85 -18.19
N GLU H 75 -2.94 27.97 -17.11
CA GLU H 75 -2.65 27.21 -15.91
C GLU H 75 -2.77 25.71 -16.06
N ASN H 76 -3.53 25.18 -17.03
CA ASN H 76 -3.60 23.74 -17.19
C ASN H 76 -2.66 23.30 -18.31
N LEU H 77 -2.04 24.25 -19.01
CA LEU H 77 -1.16 23.97 -20.17
C LEU H 77 0.22 23.42 -19.75
N VAL H 78 0.59 22.18 -20.15
CA VAL H 78 1.90 21.61 -19.69
C VAL H 78 2.94 21.46 -20.80
N SER H 79 2.43 21.47 -22.03
CA SER H 79 3.19 21.18 -23.23
C SER H 79 2.65 21.85 -24.50
N MET H 80 3.54 22.35 -25.35
CA MET H 80 3.08 22.96 -26.61
C MET H 80 4.11 22.63 -27.70
N THR H 81 3.71 21.93 -28.74
CA THR H 81 4.62 21.55 -29.82
C THR H 81 4.07 21.97 -31.18
N VAL H 82 4.93 22.14 -32.17
CA VAL H 82 4.47 22.57 -33.49
C VAL H 82 3.69 21.43 -34.13
N GLU H 83 2.51 21.71 -34.67
CA GLU H 83 1.75 20.65 -35.29
C GLU H 83 2.02 20.73 -36.79
N GLY H 84 2.11 21.93 -37.30
CA GLY H 84 2.35 22.08 -38.74
C GLY H 84 2.55 23.56 -39.03
N PRO H 85 2.87 23.87 -40.28
CA PRO H 85 3.11 25.23 -40.69
C PRO H 85 1.86 26.09 -40.69
N PRO H 86 2.09 27.40 -40.79
CA PRO H 86 0.99 28.36 -40.83
C PRO H 86 0.10 27.91 -41.98
N PRO H 87 -1.20 27.91 -41.73
CA PRO H 87 -2.17 27.47 -42.72
C PRO H 87 -2.33 28.46 -43.85
N LYS H 88 -2.68 27.93 -45.01
CA LYS H 88 -2.90 28.69 -46.23
C LYS H 88 -1.63 28.78 -47.08
N ILE I 3 18.92 18.17 3.88
CA ILE I 3 19.37 19.44 3.31
C ILE I 3 18.66 20.59 3.98
N GLY I 4 17.73 20.26 4.88
CA GLY I 4 16.96 21.23 5.63
C GLY I 4 15.89 22.01 4.90
N VAL I 5 15.98 22.25 3.59
CA VAL I 5 14.92 23.04 2.93
C VAL I 5 14.40 22.30 1.72
N PRO I 6 13.10 22.00 1.76
CA PRO I 6 12.42 21.29 0.67
C PRO I 6 12.85 21.78 -0.70
N ILE I 7 12.81 23.09 -0.96
CA ILE I 7 13.21 23.62 -2.25
C ILE I 7 14.67 23.30 -2.57
N LYS I 8 15.54 23.31 -1.57
CA LYS I 8 16.96 23.01 -1.80
C LYS I 8 17.12 21.57 -2.26
N VAL I 9 16.38 20.67 -1.63
CA VAL I 9 16.43 19.27 -2.02
C VAL I 9 15.93 19.11 -3.46
N LEU I 10 14.87 19.83 -3.82
CA LEU I 10 14.32 19.74 -5.17
C LEU I 10 15.34 20.23 -6.18
N HIS I 11 15.96 21.40 -5.88
CA HIS I 11 16.98 21.92 -6.76
C HIS I 11 18.13 20.92 -6.92
N GLU I 12 18.45 20.13 -5.91
CA GLU I 12 19.50 19.14 -5.99
C GLU I 12 19.07 18.00 -6.90
N ALA I 13 17.77 17.82 -7.19
CA ALA I 13 17.32 16.77 -8.10
C ALA I 13 17.40 17.19 -9.56
N GLU I 14 17.66 18.45 -9.87
CA GLU I 14 17.77 18.88 -11.28
C GLU I 14 18.85 18.05 -11.96
N GLY I 15 18.58 17.59 -13.19
CA GLY I 15 19.53 16.77 -13.92
C GLY I 15 19.22 15.29 -13.64
N HIS I 16 18.30 15.02 -12.72
CA HIS I 16 17.93 13.67 -12.40
C HIS I 16 16.47 13.41 -12.77
N ILE I 17 16.18 12.12 -12.75
CA ILE I 17 14.83 11.65 -13.02
C ILE I 17 14.02 11.74 -11.74
N VAL I 18 12.85 12.38 -11.87
CA VAL I 18 11.96 12.53 -10.74
C VAL I 18 10.57 12.02 -11.16
N THR I 19 9.73 11.80 -10.16
CA THR I 19 8.37 11.37 -10.48
C THR I 19 7.52 12.50 -9.90
N CYS I 20 6.58 12.96 -10.73
CA CYS I 20 5.70 14.01 -10.22
C CYS I 20 4.28 13.52 -10.21
N GLU I 21 3.62 13.37 -9.08
CA GLU I 21 2.22 12.94 -9.07
C GLU I 21 1.37 14.17 -8.82
N THR I 22 0.37 14.43 -9.65
CA THR I 22 -0.42 15.64 -9.51
C THR I 22 -1.60 15.42 -8.59
N ASN I 23 -2.21 16.54 -8.21
CA ASN I 23 -3.41 16.55 -7.38
C ASN I 23 -4.60 15.87 -8.06
N THR I 24 -4.62 15.75 -9.37
CA THR I 24 -5.72 15.10 -10.05
C THR I 24 -5.38 13.68 -10.52
N GLY I 25 -4.29 13.10 -10.00
CA GLY I 25 -3.94 11.75 -10.33
C GLY I 25 -3.08 11.42 -11.51
N GLU I 26 -2.58 12.38 -12.26
CA GLU I 26 -1.68 12.10 -13.38
C GLU I 26 -0.31 11.87 -12.78
N VAL I 27 0.52 11.06 -13.43
CA VAL I 27 1.86 10.80 -12.94
C VAL I 27 2.85 11.12 -14.06
N TYR I 28 3.78 12.03 -13.82
CA TYR I 28 4.74 12.40 -14.83
C TYR I 28 6.13 11.96 -14.39
N ARG I 29 6.84 11.17 -15.19
CA ARG I 29 8.17 10.76 -14.73
C ARG I 29 9.14 11.12 -15.83
N GLY I 30 10.18 11.87 -15.48
CA GLY I 30 11.14 12.28 -16.50
C GLY I 30 12.26 13.05 -15.83
N LYS I 31 13.20 13.55 -16.62
CA LYS I 31 14.32 14.30 -16.08
C LYS I 31 13.89 15.70 -15.67
N LEU I 32 14.18 16.06 -14.42
CA LEU I 32 13.84 17.40 -13.97
C LEU I 32 14.90 18.33 -14.60
N ILE I 33 14.55 19.29 -15.40
CA ILE I 33 15.50 20.20 -16.01
C ILE I 33 15.72 21.36 -15.03
N GLU I 34 14.59 21.87 -14.57
CA GLU I 34 14.63 22.99 -13.67
C GLU I 34 13.38 23.17 -12.81
N ALA I 35 13.67 23.43 -11.53
CA ALA I 35 12.61 23.71 -10.57
C ALA I 35 12.65 25.21 -10.21
N GLU I 36 11.56 25.94 -10.32
CA GLU I 36 11.58 27.34 -9.91
C GLU I 36 11.27 27.36 -8.42
N ASP I 37 11.40 28.53 -7.80
CA ASP I 37 11.18 28.69 -6.37
C ASP I 37 9.80 28.37 -5.90
N ASN I 38 8.79 28.39 -6.77
CA ASN I 38 7.44 28.03 -6.35
C ASN I 38 7.20 26.55 -6.63
N MET I 39 8.23 25.82 -7.05
CA MET I 39 8.22 24.40 -7.34
C MET I 39 7.63 24.01 -8.69
N ASN I 40 7.46 25.00 -9.55
CA ASN I 40 7.01 24.74 -10.92
C ASN I 40 8.19 23.98 -11.55
N CYS I 41 7.94 22.82 -12.14
CA CYS I 41 9.01 22.05 -12.73
C CYS I 41 8.95 21.87 -14.23
N GLN I 42 10.09 22.13 -14.83
CA GLN I 42 10.30 21.96 -16.26
C GLN I 42 10.95 20.56 -16.35
N MET I 43 10.34 19.62 -17.06
CA MET I 43 10.83 18.26 -17.14
C MET I 43 10.97 17.86 -18.60
N SER I 44 11.82 16.88 -18.92
CA SER I 44 11.92 16.52 -20.34
C SER I 44 12.00 15.00 -20.49
N ASN I 45 11.60 14.59 -21.69
CA ASN I 45 11.58 13.16 -22.02
C ASN I 45 10.79 12.44 -20.96
N ILE I 46 9.52 12.90 -20.81
CA ILE I 46 8.71 12.27 -19.77
C ILE I 46 7.80 11.15 -20.28
N THR I 47 7.37 10.35 -19.32
CA THR I 47 6.40 9.30 -19.52
C THR I 47 5.23 9.74 -18.60
N VAL I 48 4.05 9.86 -19.14
CA VAL I 48 2.92 10.28 -18.32
C VAL I 48 1.87 9.19 -18.34
N THR I 49 1.29 8.99 -17.16
CA THR I 49 0.20 8.08 -16.94
C THR I 49 -1.01 8.93 -16.51
N TYR I 50 -1.99 8.96 -17.37
CA TYR I 50 -3.18 9.76 -17.15
C TYR I 50 -4.08 9.08 -16.14
N ARG I 51 -5.10 9.82 -15.71
CA ARG I 51 -6.07 9.34 -14.69
C ARG I 51 -6.72 8.02 -15.05
N ASP I 52 -6.98 7.80 -16.33
CA ASP I 52 -7.62 6.58 -16.80
C ASP I 52 -6.64 5.47 -17.11
N GLY I 53 -5.36 5.65 -16.85
CA GLY I 53 -4.35 4.63 -17.08
C GLY I 53 -3.63 4.75 -18.40
N ARG I 54 -4.05 5.62 -19.31
CA ARG I 54 -3.34 5.77 -20.57
C ARG I 54 -1.95 6.32 -20.27
N VAL I 55 -0.99 5.78 -21.03
CA VAL I 55 0.40 6.15 -20.90
C VAL I 55 0.88 6.82 -22.19
N ALA I 56 1.64 7.90 -22.06
CA ALA I 56 2.15 8.55 -23.28
C ALA I 56 3.53 9.11 -22.94
N GLN I 57 4.21 9.59 -23.94
CA GLN I 57 5.54 10.20 -23.77
C GLN I 57 5.46 11.63 -24.29
N LEU I 58 6.13 12.58 -23.67
CA LEU I 58 6.09 13.96 -24.14
C LEU I 58 7.55 14.41 -24.04
N GLU I 59 8.02 15.22 -24.96
CA GLU I 59 9.39 15.69 -24.94
C GLU I 59 9.64 16.67 -23.80
N GLN I 60 8.66 17.53 -23.53
CA GLN I 60 8.84 18.51 -22.45
C GLN I 60 7.53 18.82 -21.76
N VAL I 61 7.55 19.01 -20.43
CA VAL I 61 6.31 19.34 -19.73
C VAL I 61 6.66 20.43 -18.69
N TYR I 62 5.69 21.25 -18.33
CA TYR I 62 5.87 22.29 -17.32
C TYR I 62 4.76 21.98 -16.30
N ILE I 63 5.13 21.48 -15.14
CA ILE I 63 4.13 21.10 -14.15
C ILE I 63 4.20 22.12 -13.01
N ARG I 64 3.15 22.87 -12.83
CA ARG I 64 3.13 23.89 -11.77
C ARG I 64 3.10 23.26 -10.40
N GLY I 65 3.85 23.89 -9.45
CA GLY I 65 3.90 23.38 -8.09
C GLY I 65 2.51 23.26 -7.48
N CYS I 66 1.65 24.24 -7.76
CA CYS I 66 0.30 24.15 -7.17
C CYS I 66 -0.52 22.98 -7.68
N LYS I 67 -0.08 22.23 -8.68
CA LYS I 67 -0.70 21.09 -9.28
C LYS I 67 -0.15 19.75 -8.76
N ILE I 68 0.93 19.81 -8.00
CA ILE I 68 1.62 18.63 -7.50
C ILE I 68 1.17 18.17 -6.14
N ARG I 69 0.95 16.87 -5.98
CA ARG I 69 0.58 16.27 -4.70
C ARG I 69 1.95 15.93 -4.03
N PHE I 70 2.80 15.27 -4.79
CA PHE I 70 4.13 14.94 -4.33
C PHE I 70 5.09 14.70 -5.48
N LEU I 71 6.37 14.78 -5.16
CA LEU I 71 7.43 14.47 -6.07
C LEU I 71 8.25 13.33 -5.44
N ILE I 72 8.74 12.43 -6.27
CA ILE I 72 9.62 11.38 -5.74
C ILE I 72 11.01 11.78 -6.25
N LEU I 73 11.96 12.04 -5.37
CA LEU I 73 13.30 12.48 -5.77
C LEU I 73 14.29 11.34 -5.69
N PRO I 74 15.39 11.42 -6.43
CA PRO I 74 16.41 10.39 -6.45
C PRO I 74 16.92 10.07 -5.05
N ASP I 75 17.07 8.79 -4.76
CA ASP I 75 17.55 8.17 -3.56
C ASP I 75 16.51 7.33 -2.82
N THR J 2 2.36 19.88 14.58
CA THR J 2 1.08 20.50 14.28
C THR J 2 1.17 21.22 12.93
N VAL J 3 0.51 20.72 11.91
CA VAL J 3 0.53 21.33 10.58
C VAL J 3 0.11 22.79 10.70
N GLY J 4 0.87 23.67 10.07
CA GLY J 4 0.62 25.08 10.09
C GLY J 4 1.36 25.80 11.22
N LYS J 5 2.08 25.06 12.08
CA LYS J 5 2.78 25.73 13.19
C LYS J 5 4.25 25.36 13.12
N SER J 6 5.06 26.24 12.52
CA SER J 6 6.47 25.98 12.34
C SER J 6 7.19 25.55 13.61
N SER J 7 6.97 26.31 14.69
CA SER J 7 7.61 25.96 15.96
C SER J 7 7.24 24.57 16.44
N LYS J 8 6.00 24.11 16.25
CA LYS J 8 5.66 22.76 16.71
C LYS J 8 6.18 21.70 15.76
N MET J 9 6.18 21.97 14.46
CA MET J 9 6.68 20.98 13.50
C MET J 9 8.17 20.71 13.64
N LEU J 10 8.88 21.77 14.02
CA LEU J 10 10.31 21.67 14.21
C LEU J 10 10.69 20.63 15.23
N GLN J 11 9.89 20.35 16.25
CA GLN J 11 10.16 19.36 17.27
C GLN J 11 10.05 17.94 16.79
N HIS J 12 9.45 17.75 15.60
CA HIS J 12 9.28 16.41 15.08
C HIS J 12 10.32 16.09 14.01
N ILE J 13 11.26 16.98 13.75
CA ILE J 13 12.28 16.64 12.76
C ILE J 13 12.95 15.35 13.18
N ASP J 14 13.21 14.46 12.24
CA ASP J 14 13.82 13.17 12.35
C ASP J 14 12.92 12.05 12.84
N TYR J 15 11.76 12.34 13.42
CA TYR J 15 10.84 11.29 13.85
C TYR J 15 10.21 10.66 12.58
N ARG J 16 9.63 9.50 12.78
CA ARG J 16 8.90 8.79 11.73
C ARG J 16 7.51 9.44 11.86
N MET J 17 7.03 10.16 10.84
CA MET J 17 5.74 10.81 10.95
C MET J 17 4.69 10.30 9.96
N ARG J 18 3.43 10.34 10.37
CA ARG J 18 2.28 9.96 9.59
C ARG J 18 1.69 11.31 9.09
N CYS J 19 1.82 11.54 7.80
CA CYS J 19 1.36 12.81 7.21
C CYS J 19 0.12 12.53 6.39
N ILE J 20 -0.99 13.10 6.86
CA ILE J 20 -2.30 12.88 6.29
C ILE J 20 -2.82 14.04 5.46
N LEU J 21 -3.21 13.71 4.22
CA LEU J 21 -3.75 14.77 3.35
C LEU J 21 -5.26 14.90 3.62
N GLN J 22 -5.83 15.93 3.01
CA GLN J 22 -7.21 16.29 3.10
C GLN J 22 -8.13 15.15 2.72
N ASP J 23 -7.81 14.39 1.68
CA ASP J 23 -8.63 13.28 1.24
C ASP J 23 -8.32 12.01 2.02
N GLY J 24 -7.47 12.04 3.03
CA GLY J 24 -7.20 10.84 3.81
C GLY J 24 -6.01 10.01 3.40
N ARG J 25 -5.36 10.33 2.30
CA ARG J 25 -4.16 9.61 1.90
C ARG J 25 -3.17 9.75 3.06
N ILE J 26 -2.45 8.68 3.37
CA ILE J 26 -1.48 8.71 4.47
C ILE J 26 -0.06 8.54 3.93
N PHE J 27 0.84 9.43 4.32
CA PHE J 27 2.24 9.32 3.91
C PHE J 27 3.06 9.10 5.20
N ILE J 28 3.75 7.97 5.26
CA ILE J 28 4.54 7.72 6.49
C ILE J 28 6.00 7.75 6.09
N GLY J 29 6.78 8.63 6.69
CA GLY J 29 8.21 8.71 6.35
C GLY J 29 8.97 9.38 7.49
N THR J 30 10.28 9.44 7.33
CA THR J 30 11.18 10.07 8.31
C THR J 30 11.19 11.55 7.93
N PHE J 31 10.66 12.35 8.84
CA PHE J 31 10.51 13.78 8.59
C PHE J 31 11.85 14.51 8.61
N LYS J 32 12.33 14.91 7.44
CA LYS J 32 13.65 15.56 7.38
C LYS J 32 13.61 17.05 7.26
N ALA J 33 12.53 17.62 6.73
CA ALA J 33 12.49 19.07 6.59
C ALA J 33 11.11 19.56 6.18
N PHE J 34 10.89 20.86 6.35
CA PHE J 34 9.63 21.49 5.99
C PHE J 34 9.90 22.98 5.74
N ASP J 35 8.95 23.67 5.14
CA ASP J 35 9.08 25.11 4.89
C ASP J 35 7.81 25.76 5.40
N LYS J 36 7.69 27.07 5.29
CA LYS J 36 6.54 27.81 5.77
C LYS J 36 5.25 27.45 5.06
N HIS J 37 5.29 26.91 3.86
CA HIS J 37 4.07 26.50 3.17
C HIS J 37 3.67 25.11 3.61
N MET J 38 4.49 24.46 4.45
CA MET J 38 4.21 23.11 4.95
C MET J 38 4.61 22.02 3.95
N ASN J 39 5.44 22.34 2.97
CA ASN J 39 5.99 21.40 2.04
C ASN J 39 6.97 20.59 2.92
N LEU J 40 6.94 19.27 2.75
CA LEU J 40 7.79 18.42 3.54
C LEU J 40 8.74 17.54 2.71
N ILE J 41 9.81 17.17 3.39
CA ILE J 41 10.75 16.21 2.81
C ILE J 41 10.61 14.97 3.72
N LEU J 42 10.17 13.88 3.12
CA LEU J 42 10.00 12.62 3.83
C LEU J 42 10.88 11.54 3.21
N CYS J 43 11.79 10.98 4.02
CA CYS J 43 12.69 9.94 3.56
C CYS J 43 12.15 8.54 3.85
N ASP J 44 12.48 7.57 2.99
CA ASP J 44 11.98 6.21 3.19
C ASP J 44 10.47 6.28 3.41
N CYS J 45 9.78 6.98 2.50
CA CYS J 45 8.36 7.21 2.61
C CYS J 45 7.49 6.17 1.93
N ASP J 46 6.42 5.81 2.61
CA ASP J 46 5.41 4.88 2.11
C ASP J 46 4.04 5.59 2.09
N GLU J 47 3.22 5.25 1.11
CA GLU J 47 1.88 5.84 1.03
C GLU J 47 0.85 4.75 1.32
N PHE J 48 -0.12 5.05 2.16
CA PHE J 48 -1.19 4.15 2.50
C PHE J 48 -2.50 4.88 2.15
N ARG J 49 -3.43 4.15 1.56
CA ARG J 49 -4.74 4.62 1.20
C ARG J 49 -5.78 3.65 1.76
N LYS J 50 -6.79 4.19 2.39
CA LYS J 50 -7.88 3.42 2.99
C LYS J 50 -9.12 3.76 2.14
N ILE J 51 -9.62 2.72 1.50
CA ILE J 51 -10.74 2.79 0.59
C ILE J 51 -11.97 2.02 1.05
N LYS J 52 -13.08 2.76 1.14
CA LYS J 52 -14.38 2.22 1.50
C LYS J 52 -15.11 2.00 0.17
N PRO J 53 -15.18 0.73 -0.21
CA PRO J 53 -15.78 0.32 -1.46
C PRO J 53 -17.08 1.01 -1.76
N LYS J 54 -17.15 1.48 -2.99
CA LYS J 54 -18.23 2.21 -3.65
C LYS J 54 -19.56 1.77 -3.09
N ASN J 55 -19.69 0.50 -2.96
CA ASN J 55 -20.86 -0.05 -2.32
C ASN J 55 -20.54 -1.39 -1.69
N SER J 56 -20.80 -1.37 -0.37
CA SER J 56 -20.49 -2.34 0.74
C SER J 56 -20.94 -3.80 0.86
N LYS J 57 -20.08 -4.71 0.79
CA LYS J 57 -20.21 -6.14 0.93
C LYS J 57 -18.86 -6.82 0.90
N GLN J 58 -18.03 -5.75 0.78
CA GLN J 58 -16.58 -5.78 0.80
C GLN J 58 -16.17 -4.85 1.95
N ALA J 59 -15.25 -5.27 2.82
CA ALA J 59 -14.89 -4.34 3.88
C ALA J 59 -13.87 -3.41 3.19
N GLU J 60 -13.31 -2.51 3.97
CA GLU J 60 -12.31 -1.61 3.41
C GLU J 60 -11.22 -2.39 2.69
N ARG J 61 -10.49 -1.61 1.91
CA ARG J 61 -9.31 -2.06 1.20
C ARG J 61 -8.27 -1.02 1.68
N GLU J 62 -7.08 -1.53 1.93
CA GLU J 62 -5.96 -0.68 2.33
C GLU J 62 -4.85 -0.93 1.31
N GLU J 63 -4.42 0.09 0.59
CA GLU J 63 -3.38 -0.03 -0.40
C GLU J 63 -2.07 0.59 0.10
N LYS J 64 -0.96 -0.08 -0.23
CA LYS J 64 0.34 0.42 0.20
C LYS J 64 1.28 0.53 -0.99
N ARG J 65 1.97 1.67 -1.05
CA ARG J 65 2.94 1.90 -2.10
C ARG J 65 4.25 2.39 -1.43
N VAL J 66 5.34 1.88 -1.94
CA VAL J 66 6.65 2.31 -1.42
C VAL J 66 7.07 3.45 -2.35
N LEU J 67 7.32 4.62 -1.81
CA LEU J 67 7.71 5.75 -2.67
C LEU J 67 9.18 6.08 -2.64
N GLY J 68 9.71 6.26 -1.43
CA GLY J 68 11.15 6.59 -1.35
C GLY J 68 11.31 7.99 -0.74
N LEU J 69 12.16 8.81 -1.37
CA LEU J 69 12.37 10.16 -0.87
C LEU J 69 11.31 11.06 -1.52
N VAL J 70 10.38 11.52 -0.70
CA VAL J 70 9.25 12.32 -1.16
C VAL J 70 9.25 13.77 -0.67
N LEU J 71 8.89 14.65 -1.59
CA LEU J 71 8.68 16.06 -1.37
C LEU J 71 7.14 16.12 -1.41
N LEU J 72 6.54 16.24 -0.23
CA LEU J 72 5.10 16.27 -0.16
C LEU J 72 4.60 17.71 -0.15
N ARG J 73 3.78 18.06 -1.09
CA ARG J 73 3.27 19.43 -1.14
C ARG J 73 2.36 19.72 0.04
N GLY J 74 2.67 20.86 0.69
CA GLY J 74 1.98 21.32 1.86
C GLY J 74 0.55 21.71 1.73
N GLU J 75 0.10 22.22 0.60
CA GLU J 75 -1.28 22.64 0.49
C GLU J 75 -2.31 21.56 0.68
N ASN J 76 -2.04 20.27 0.50
CA ASN J 76 -3.06 19.26 0.74
C ASN J 76 -2.87 18.60 2.11
N LEU J 77 -1.81 18.98 2.83
CA LEU J 77 -1.50 18.39 4.11
C LEU J 77 -2.37 18.93 5.24
N VAL J 78 -3.11 18.08 5.94
CA VAL J 78 -3.94 18.64 6.99
C VAL J 78 -3.53 18.15 8.38
N SER J 79 -2.83 17.01 8.45
CA SER J 79 -2.51 16.53 9.79
C SER J 79 -1.21 15.73 9.79
N MET J 80 -0.54 15.79 10.93
CA MET J 80 0.71 15.09 11.14
C MET J 80 0.70 14.42 12.50
N THR J 81 1.02 13.13 12.58
CA THR J 81 1.05 12.45 13.87
C THR J 81 2.35 11.64 13.93
N VAL J 82 2.91 11.53 15.14
CA VAL J 82 4.13 10.77 15.32
C VAL J 82 3.89 9.28 15.13
N GLU J 83 4.64 8.63 14.27
CA GLU J 83 4.53 7.21 14.06
C GLU J 83 5.59 6.45 14.87
N GLY J 84 6.71 7.12 15.11
CA GLY J 84 7.81 6.49 15.86
C GLY J 84 8.92 7.50 16.06
N PRO J 85 9.74 7.26 17.08
CA PRO J 85 10.85 8.16 17.38
C PRO J 85 11.89 8.07 16.27
N PRO J 86 12.82 9.02 16.30
CA PRO J 86 13.89 9.04 15.32
C PRO J 86 14.61 7.71 15.36
N PRO J 87 14.66 7.06 14.19
CA PRO J 87 15.29 5.77 14.04
C PRO J 87 16.73 5.79 14.54
N VAL K 5 -19.56 41.02 9.04
CA VAL K 5 -18.51 40.53 8.10
C VAL K 5 -18.22 39.07 8.40
N PRO K 6 -18.21 38.27 7.34
CA PRO K 6 -17.99 36.83 7.43
C PRO K 6 -16.87 36.39 8.32
N ILE K 7 -15.65 36.86 8.11
CA ILE K 7 -14.52 36.48 8.96
C ILE K 7 -14.77 36.80 10.42
N LYS K 8 -15.50 37.88 10.70
CA LYS K 8 -15.83 38.23 12.07
C LYS K 8 -16.73 37.17 12.70
N VAL K 9 -17.70 36.70 11.90
CA VAL K 9 -18.60 35.67 12.39
C VAL K 9 -17.81 34.40 12.65
N LEU K 10 -16.91 34.04 11.74
CA LEU K 10 -16.10 32.84 11.91
C LEU K 10 -15.21 32.97 13.13
N HIS K 11 -14.67 34.15 13.41
CA HIS K 11 -13.81 34.38 14.57
C HIS K 11 -14.56 34.13 15.86
N GLU K 12 -15.85 34.48 15.89
CA GLU K 12 -16.69 34.24 17.04
C GLU K 12 -16.96 32.76 17.25
N ALA K 13 -16.77 31.90 16.22
CA ALA K 13 -17.04 30.47 16.42
C ALA K 13 -15.83 29.79 17.03
N GLU K 14 -14.70 30.46 17.13
CA GLU K 14 -13.51 29.91 17.76
C GLU K 14 -13.90 29.40 19.14
N GLY K 15 -13.48 28.18 19.46
CA GLY K 15 -13.76 27.50 20.70
C GLY K 15 -15.05 26.69 20.62
N HIS K 16 -15.73 26.70 19.47
CA HIS K 16 -16.97 25.96 19.32
C HIS K 16 -16.82 24.86 18.26
N ILE K 17 -17.76 23.93 18.26
CA ILE K 17 -17.75 22.86 17.29
C ILE K 17 -18.23 23.47 15.97
N VAL K 18 -17.50 23.22 14.90
CA VAL K 18 -17.92 23.78 13.60
C VAL K 18 -17.85 22.60 12.63
N THR K 19 -18.52 22.76 11.50
CA THR K 19 -18.49 21.73 10.48
C THR K 19 -17.83 22.43 9.28
N CYS K 20 -16.93 21.69 8.67
CA CYS K 20 -16.24 22.21 7.51
C CYS K 20 -16.38 21.22 6.36
N GLU K 21 -17.08 21.61 5.32
CA GLU K 21 -17.25 20.79 4.14
C GLU K 21 -16.29 21.33 3.07
N THR K 22 -15.39 20.46 2.63
CA THR K 22 -14.39 20.86 1.65
C THR K 22 -14.94 20.82 0.24
N ASN K 23 -14.20 21.47 -0.66
CA ASN K 23 -14.54 21.51 -2.08
C ASN K 23 -14.52 20.11 -2.69
N THR K 24 -13.80 19.15 -2.12
CA THR K 24 -13.78 17.81 -2.70
C THR K 24 -14.64 16.81 -1.92
N GLY K 25 -15.59 17.28 -1.13
CA GLY K 25 -16.53 16.44 -0.45
C GLY K 25 -16.18 15.82 0.88
N GLU K 26 -15.06 16.19 1.51
CA GLU K 26 -14.77 15.67 2.81
C GLU K 26 -15.54 16.52 3.83
N VAL K 27 -15.86 15.94 4.98
CA VAL K 27 -16.56 16.72 6.00
C VAL K 27 -15.74 16.59 7.28
N TYR K 28 -15.26 17.70 7.81
CA TYR K 28 -14.49 17.75 9.02
C TYR K 28 -15.33 18.44 10.12
N ARG K 29 -15.63 17.70 11.18
CA ARG K 29 -16.43 18.32 12.23
C ARG K 29 -15.68 18.22 13.55
N GLY K 30 -15.56 19.33 14.24
CA GLY K 30 -14.85 19.37 15.52
C GLY K 30 -14.70 20.81 15.98
N LYS K 31 -13.98 20.98 17.08
CA LYS K 31 -13.75 22.29 17.66
C LYS K 31 -12.84 23.19 16.85
N LEU K 32 -13.32 24.41 16.59
CA LEU K 32 -12.53 25.41 15.88
C LEU K 32 -11.57 26.02 16.90
N ILE K 33 -10.28 25.89 16.68
CA ILE K 33 -9.30 26.44 17.62
C ILE K 33 -8.95 27.87 17.21
N GLU K 34 -8.63 28.02 15.93
CA GLU K 34 -8.24 29.32 15.42
C GLU K 34 -8.55 29.46 13.93
N ALA K 35 -9.07 30.60 13.54
CA ALA K 35 -9.34 30.83 12.11
C ALA K 35 -8.46 32.00 11.70
N GLU K 36 -7.62 31.81 10.70
CA GLU K 36 -6.79 32.91 10.24
C GLU K 36 -7.66 33.79 9.36
N ASP K 37 -7.16 34.93 8.93
CA ASP K 37 -7.85 35.88 8.08
C ASP K 37 -8.11 35.38 6.67
N ASN K 38 -7.41 34.36 6.21
CA ASN K 38 -7.70 33.83 4.87
C ASN K 38 -8.71 32.68 5.03
N MET K 39 -9.16 32.47 6.27
CA MET K 39 -10.11 31.47 6.68
C MET K 39 -9.49 30.07 6.77
N ASN K 40 -8.18 30.02 6.92
CA ASN K 40 -7.52 28.73 7.15
C ASN K 40 -7.95 28.37 8.57
N CYS K 41 -8.35 27.15 8.87
CA CYS K 41 -8.79 26.83 10.19
C CYS K 41 -8.03 25.71 10.87
N GLN K 42 -7.74 25.93 12.15
CA GLN K 42 -7.09 24.95 13.01
C GLN K 42 -8.27 24.38 13.80
N MET K 43 -8.49 23.07 13.68
CA MET K 43 -9.56 22.38 14.33
C MET K 43 -9.01 21.25 15.18
N SER K 44 -9.66 20.99 16.32
CA SER K 44 -9.14 19.91 17.16
C SER K 44 -10.23 18.88 17.42
N ASN K 45 -9.79 17.68 17.77
CA ASN K 45 -10.63 16.54 18.05
C ASN K 45 -11.76 16.38 17.07
N ILE K 46 -11.37 16.18 15.80
CA ILE K 46 -12.38 16.07 14.78
C ILE K 46 -12.77 14.70 14.33
N THR K 47 -13.92 14.72 13.68
CA THR K 47 -14.48 13.54 13.05
C THR K 47 -14.47 13.92 11.57
N VAL K 48 -13.88 13.06 10.75
CA VAL K 48 -13.84 13.35 9.32
C VAL K 48 -14.55 12.24 8.59
N THR K 49 -15.32 12.65 7.59
CA THR K 49 -16.05 11.76 6.71
C THR K 49 -15.44 12.02 5.34
N TYR K 50 -14.72 11.05 4.83
CA TYR K 50 -14.07 11.17 3.54
C TYR K 50 -15.12 11.01 2.45
N ARG K 51 -14.76 11.26 1.21
CA ARG K 51 -15.69 11.19 0.09
C ARG K 51 -16.38 9.86 -0.09
N ASP K 52 -15.69 8.78 0.25
CA ASP K 52 -16.26 7.45 0.09
C ASP K 52 -17.06 7.01 1.29
N GLY K 53 -17.28 7.90 2.27
CA GLY K 53 -18.03 7.55 3.45
C GLY K 53 -17.21 7.02 4.61
N ARG K 54 -15.94 6.73 4.43
CA ARG K 54 -15.11 6.25 5.52
C ARG K 54 -15.05 7.34 6.59
N VAL K 55 -15.14 6.92 7.86
CA VAL K 55 -15.12 7.86 8.97
C VAL K 55 -13.87 7.63 9.80
N ALA K 56 -13.22 8.71 10.20
CA ALA K 56 -12.02 8.62 11.01
C ALA K 56 -12.01 9.79 12.00
N GLN K 57 -11.17 9.65 12.99
CA GLN K 57 -11.01 10.64 14.04
C GLN K 57 -9.57 11.16 13.98
N LEU K 58 -9.37 12.48 14.12
CA LEU K 58 -8.03 13.04 14.08
C LEU K 58 -7.95 14.08 15.20
N GLU K 59 -6.84 14.13 15.90
CA GLU K 59 -6.61 15.05 17.00
C GLU K 59 -6.63 16.53 16.61
N GLN K 60 -5.96 16.88 15.54
CA GLN K 60 -5.85 18.25 15.05
C GLN K 60 -5.75 18.20 13.52
N VAL K 61 -6.34 19.16 12.85
CA VAL K 61 -6.27 19.27 11.41
C VAL K 61 -6.17 20.77 11.10
N TYR K 62 -5.55 21.05 9.97
CA TYR K 62 -5.42 22.41 9.48
C TYR K 62 -6.10 22.42 8.11
N ILE K 63 -7.26 23.05 7.99
CA ILE K 63 -8.01 23.10 6.73
C ILE K 63 -7.94 24.52 6.16
N ARG K 64 -7.31 24.66 5.00
CA ARG K 64 -7.16 25.98 4.36
C ARG K 64 -8.44 26.50 3.73
N GLY K 65 -8.62 27.82 3.87
CA GLY K 65 -9.78 28.53 3.36
C GLY K 65 -10.12 28.21 1.93
N CYS K 66 -9.15 28.13 1.01
CA CYS K 66 -9.32 27.86 -0.37
C CYS K 66 -9.72 26.43 -0.69
N LYS K 67 -9.77 25.57 0.29
CA LYS K 67 -10.20 24.17 0.16
C LYS K 67 -11.61 24.01 0.71
N ILE K 68 -12.14 25.10 1.26
CA ILE K 68 -13.47 24.98 1.87
C ILE K 68 -14.62 25.42 0.99
N ARG K 69 -15.66 24.60 1.00
CA ARG K 69 -16.89 24.87 0.27
C ARG K 69 -17.76 25.72 1.22
N PHE K 70 -17.92 25.27 2.44
CA PHE K 70 -18.67 26.02 3.43
C PHE K 70 -18.34 25.50 4.83
N LEU K 71 -18.67 26.37 5.78
CA LEU K 71 -18.57 26.04 7.18
C LEU K 71 -19.97 26.18 7.79
N ILE K 72 -20.32 25.30 8.69
CA ILE K 72 -21.57 25.34 9.43
C ILE K 72 -21.08 25.81 10.81
N LEU K 73 -21.53 26.97 11.24
CA LEU K 73 -21.17 27.61 12.48
C LEU K 73 -22.27 27.55 13.53
N PRO K 74 -21.92 27.82 14.78
CA PRO K 74 -22.87 27.78 15.88
C PRO K 74 -24.00 28.77 15.70
N ASP K 75 -25.22 28.26 15.74
CA ASP K 75 -26.48 28.95 15.59
C ASP K 75 -27.57 27.97 15.13
N THR L 2 -24.34 40.71 -10.50
CA THR L 2 -24.59 40.85 -9.04
C THR L 2 -23.59 40.09 -8.20
N VAL L 3 -23.46 38.76 -8.29
CA VAL L 3 -22.36 38.14 -7.56
C VAL L 3 -21.12 38.84 -8.17
N GLY L 4 -20.16 39.27 -7.39
CA GLY L 4 -18.99 39.93 -7.94
C GLY L 4 -19.16 41.46 -7.96
N LYS L 5 -20.28 41.96 -7.45
CA LYS L 5 -20.55 43.40 -7.43
C LYS L 5 -21.03 43.76 -6.03
N SER L 6 -20.12 44.17 -5.14
CA SER L 6 -20.52 44.49 -3.78
C SER L 6 -21.66 45.47 -3.63
N SER L 7 -21.73 46.49 -4.51
CA SER L 7 -22.86 47.44 -4.43
C SER L 7 -24.14 46.78 -4.81
N LYS L 8 -24.11 45.98 -5.84
CA LYS L 8 -25.36 45.30 -6.09
C LYS L 8 -25.68 44.38 -4.92
N MET L 9 -24.72 43.63 -4.38
CA MET L 9 -25.19 42.73 -3.32
C MET L 9 -25.69 43.35 -2.03
N LEU L 10 -25.23 44.56 -1.71
CA LEU L 10 -25.68 45.20 -0.47
C LEU L 10 -27.18 45.34 -0.33
N GLN L 11 -27.92 45.64 -1.38
CA GLN L 11 -29.36 45.80 -1.38
C GLN L 11 -30.18 44.54 -1.10
N HIS L 12 -29.54 43.37 -1.11
CA HIS L 12 -30.24 42.13 -0.85
C HIS L 12 -30.02 41.68 0.58
N ILE L 13 -29.20 42.43 1.32
CA ILE L 13 -28.98 42.03 2.72
C ILE L 13 -30.33 41.85 3.40
N ASP L 14 -30.45 40.85 4.26
CA ASP L 14 -31.57 40.41 5.04
C ASP L 14 -32.63 39.62 4.27
N TYR L 15 -32.56 39.63 2.95
CA TYR L 15 -33.46 38.88 2.13
C TYR L 15 -33.02 37.40 2.10
N ARG L 16 -33.96 36.54 1.79
CA ARG L 16 -33.69 35.11 1.66
C ARG L 16 -33.21 34.96 0.22
N MET L 17 -31.96 34.52 0.08
CA MET L 17 -31.39 34.43 -1.27
C MET L 17 -31.02 33.01 -1.68
N ARG L 18 -31.10 32.78 -2.98
CA ARG L 18 -30.72 31.50 -3.59
C ARG L 18 -29.32 31.74 -4.16
N CYS L 19 -28.32 31.10 -3.59
CA CYS L 19 -26.90 31.23 -3.92
C CYS L 19 -26.41 29.98 -4.63
N ILE L 20 -26.02 30.13 -5.90
CA ILE L 20 -25.66 28.96 -6.69
C ILE L 20 -24.18 28.78 -7.00
N LEU L 21 -23.65 27.59 -6.65
CA LEU L 21 -22.22 27.39 -6.90
C LEU L 21 -21.98 27.04 -8.35
N GLN L 22 -20.73 27.06 -8.76
CA GLN L 22 -20.35 26.70 -10.13
C GLN L 22 -20.85 25.34 -10.61
N ASP L 23 -20.94 24.34 -9.74
CA ASP L 23 -21.39 22.99 -10.02
C ASP L 23 -22.90 22.90 -9.86
N GLY L 24 -23.57 24.02 -9.57
CA GLY L 24 -25.04 23.99 -9.48
C GLY L 24 -25.61 23.71 -8.12
N ARG L 25 -24.81 23.53 -7.08
CA ARG L 25 -25.33 23.30 -5.75
C ARG L 25 -26.05 24.61 -5.37
N ILE L 26 -27.21 24.48 -4.73
CA ILE L 26 -27.96 25.67 -4.32
C ILE L 26 -28.03 25.78 -2.80
N PHE L 27 -27.77 26.91 -2.22
CA PHE L 27 -27.79 27.25 -0.82
C PHE L 27 -28.88 28.32 -0.68
N ILE L 28 -29.92 28.05 0.10
CA ILE L 28 -31.01 29.03 0.27
C ILE L 28 -31.04 29.38 1.76
N GLY L 29 -30.79 30.67 2.05
CA GLY L 29 -30.76 31.11 3.42
C GLY L 29 -30.94 32.64 3.52
N THR L 30 -30.96 33.10 4.76
CA THR L 30 -31.10 34.53 5.00
C THR L 30 -29.71 35.17 4.88
N PHE L 31 -29.61 36.04 3.88
CA PHE L 31 -28.33 36.69 3.60
C PHE L 31 -27.98 37.77 4.61
N LYS L 32 -27.04 37.49 5.51
CA LYS L 32 -26.68 38.42 6.56
C LYS L 32 -25.39 39.17 6.36
N ALA L 33 -24.47 38.66 5.54
CA ALA L 33 -23.21 39.36 5.35
C ALA L 33 -22.43 38.78 4.16
N PHE L 34 -21.53 39.60 3.63
CA PHE L 34 -20.69 39.23 2.52
C PHE L 34 -19.40 40.05 2.63
N ASP L 35 -18.36 39.64 1.89
CA ASP L 35 -17.11 40.41 1.93
C ASP L 35 -16.70 40.59 0.48
N LYS L 36 -15.58 41.26 0.21
CA LYS L 36 -15.15 41.47 -1.17
C LYS L 36 -14.77 40.19 -1.93
N HIS L 37 -14.54 39.07 -1.26
CA HIS L 37 -14.23 37.79 -1.88
C HIS L 37 -15.48 37.02 -2.25
N MET L 38 -16.65 37.55 -1.87
CA MET L 38 -17.96 36.99 -2.11
C MET L 38 -18.25 35.87 -1.11
N ASN L 39 -17.53 35.82 -0.01
CA ASN L 39 -17.83 34.84 1.03
C ASN L 39 -19.15 35.35 1.63
N LEU L 40 -20.10 34.48 1.98
CA LEU L 40 -21.36 34.94 2.49
C LEU L 40 -21.70 34.33 3.84
N ILE L 41 -22.54 35.04 4.58
CA ILE L 41 -23.07 34.51 5.84
C ILE L 41 -24.55 34.25 5.49
N LEU L 42 -25.02 33.03 5.63
CA LEU L 42 -26.39 32.67 5.32
C LEU L 42 -27.00 32.03 6.57
N CYS L 43 -28.04 32.71 7.11
CA CYS L 43 -28.69 32.17 8.31
C CYS L 43 -29.80 31.21 7.93
N ASP L 44 -30.05 30.16 8.72
CA ASP L 44 -31.09 29.17 8.46
C ASP L 44 -30.98 28.71 6.99
N CYS L 45 -29.78 28.24 6.69
CA CYS L 45 -29.52 27.83 5.32
C CYS L 45 -29.80 26.37 5.05
N ASP L 46 -30.40 26.12 3.90
CA ASP L 46 -30.72 24.81 3.39
C ASP L 46 -29.87 24.62 2.11
N GLU L 47 -29.52 23.38 1.81
CA GLU L 47 -28.74 23.08 0.62
C GLU L 47 -29.58 22.22 -0.32
N PHE L 48 -29.62 22.56 -1.59
CA PHE L 48 -30.38 21.74 -2.55
C PHE L 48 -29.42 21.26 -3.62
N ARG L 49 -29.45 19.95 -3.91
CA ARG L 49 -28.57 19.44 -4.97
C ARG L 49 -29.50 18.81 -5.99
N LYS L 50 -29.35 19.11 -7.25
CA LYS L 50 -30.16 18.52 -8.33
C LYS L 50 -29.22 17.57 -9.05
N ILE L 51 -29.59 16.31 -9.11
CA ILE L 51 -28.78 15.24 -9.69
C ILE L 51 -29.42 14.55 -10.88
N LYS L 52 -28.67 14.49 -11.97
CA LYS L 52 -29.15 13.80 -13.18
C LYS L 52 -28.36 12.50 -13.28
N PRO L 53 -28.95 11.39 -12.88
CA PRO L 53 -28.31 10.09 -12.89
C PRO L 53 -27.72 9.65 -14.22
N LYS L 54 -26.58 8.98 -14.17
CA LYS L 54 -25.88 8.44 -15.31
C LYS L 54 -26.83 7.69 -16.23
N ASN L 55 -27.54 6.75 -15.63
CA ASN L 55 -28.54 5.89 -16.24
C ASN L 55 -29.82 6.64 -16.59
N SER L 56 -29.99 6.97 -17.87
CA SER L 56 -31.23 7.65 -18.26
C SER L 56 -32.34 6.65 -17.98
N LYS L 57 -33.53 7.10 -17.66
CA LYS L 57 -34.64 6.24 -17.27
C LYS L 57 -34.75 6.15 -15.76
N GLN L 58 -33.60 6.49 -15.16
CA GLN L 58 -33.56 6.64 -13.72
C GLN L 58 -33.97 8.05 -13.30
N ALA L 59 -34.76 8.27 -12.35
CA ALA L 59 -35.24 9.61 -12.05
C ALA L 59 -34.24 10.68 -11.66
N GLU L 60 -34.45 11.89 -12.18
CA GLU L 60 -33.66 13.05 -11.79
C GLU L 60 -34.12 13.23 -10.33
N ARG L 61 -33.21 13.59 -9.46
CA ARG L 61 -33.50 13.73 -8.06
C ARG L 61 -32.99 15.04 -7.50
N GLU L 62 -33.78 15.58 -6.57
CA GLU L 62 -33.40 16.82 -5.89
C GLU L 62 -33.26 16.45 -4.42
N GLU L 63 -32.12 16.75 -3.82
CA GLU L 63 -31.90 16.40 -2.43
C GLU L 63 -31.75 17.66 -1.60
N LYS L 64 -32.42 17.63 -0.45
CA LYS L 64 -32.39 18.75 0.46
C LYS L 64 -31.79 18.37 1.80
N ARG L 65 -30.93 19.29 2.23
CA ARG L 65 -30.27 19.16 3.53
C ARG L 65 -30.48 20.46 4.31
N VAL L 66 -30.82 20.42 5.58
CA VAL L 66 -30.96 21.61 6.39
C VAL L 66 -29.54 21.82 6.96
N LEU L 67 -28.97 23.00 6.73
CA LEU L 67 -27.62 23.20 7.25
C LEU L 67 -27.56 24.09 8.47
N GLY L 68 -28.23 25.22 8.52
CA GLY L 68 -28.07 26.06 9.74
C GLY L 68 -27.37 27.36 9.35
N LEU L 69 -26.49 27.87 10.21
CA LEU L 69 -25.79 29.12 9.94
C LEU L 69 -24.56 28.76 9.10
N VAL L 70 -24.60 29.19 7.84
CA VAL L 70 -23.53 28.82 6.92
C VAL L 70 -22.62 29.95 6.48
N LEU L 71 -21.32 29.67 6.43
CA LEU L 71 -20.35 30.60 5.88
C LEU L 71 -20.06 29.98 4.50
N LEU L 72 -20.57 30.57 3.43
CA LEU L 72 -20.35 29.97 2.09
C LEU L 72 -19.16 30.62 1.41
N ARG L 73 -18.14 29.86 1.02
CA ARG L 73 -16.98 30.50 0.42
C ARG L 73 -17.28 31.10 -0.93
N GLY L 74 -16.84 32.34 -1.19
CA GLY L 74 -17.18 32.96 -2.45
C GLY L 74 -16.51 32.52 -3.70
N GLU L 75 -15.31 31.88 -3.67
CA GLU L 75 -14.71 31.49 -4.96
C GLU L 75 -15.52 30.48 -5.73
N ASN L 76 -16.45 29.72 -5.16
CA ASN L 76 -17.27 28.78 -5.89
C ASN L 76 -18.63 29.41 -6.22
N LEU L 77 -18.90 30.59 -5.67
CA LEU L 77 -20.19 31.24 -5.92
C LEU L 77 -20.30 31.88 -7.31
N VAL L 78 -21.24 31.42 -8.19
CA VAL L 78 -21.41 31.97 -9.56
C VAL L 78 -22.71 32.81 -9.73
N SER L 79 -23.67 32.75 -8.79
CA SER L 79 -24.92 33.48 -8.98
C SER L 79 -25.78 33.51 -7.75
N MET L 80 -26.58 34.58 -7.68
CA MET L 80 -27.48 34.79 -6.55
C MET L 80 -28.77 35.43 -7.05
N THR L 81 -29.88 34.94 -6.52
CA THR L 81 -31.18 35.46 -6.92
C THR L 81 -32.00 35.59 -5.64
N VAL L 82 -33.00 36.46 -5.69
CA VAL L 82 -33.84 36.67 -4.52
C VAL L 82 -34.83 35.53 -4.34
N GLU L 83 -34.81 34.95 -3.15
CA GLU L 83 -35.76 33.83 -2.94
C GLU L 83 -37.01 34.34 -2.21
N GLY L 84 -36.78 35.27 -1.29
CA GLY L 84 -37.96 35.81 -0.55
C GLY L 84 -37.52 37.02 0.25
N PRO L 85 -38.51 37.76 0.77
CA PRO L 85 -38.24 38.93 1.57
C PRO L 85 -37.71 38.58 2.93
N PRO L 86 -37.16 39.54 3.67
CA PRO L 86 -36.67 39.26 5.00
C PRO L 86 -37.82 38.69 5.83
N PRO L 87 -37.63 37.54 6.46
CA PRO L 87 -38.64 36.93 7.28
C PRO L 87 -38.95 37.80 8.49
N LYS L 88 -40.21 37.91 8.88
CA LYS L 88 -40.59 38.73 10.02
C LYS L 88 -41.82 38.22 10.79
N ASP L 89 -42.00 38.74 11.99
CA ASP L 89 -43.13 38.36 12.83
C ASP L 89 -44.44 38.74 12.12
N THR L 90 -45.35 37.77 12.04
CA THR L 90 -46.62 38.04 11.37
C THR L 90 -47.73 38.02 12.43
N GLY L 91 -47.34 37.90 13.70
CA GLY L 91 -48.33 37.85 14.78
C GLY L 91 -48.46 39.11 15.60
#